data_5ICX
#
_entry.id   5ICX
#
_cell.length_a   64.220
_cell.length_b   82.530
_cell.length_c   212.530
_cell.angle_alpha   90.00
_cell.angle_beta   90.00
_cell.angle_gamma   90.00
#
_symmetry.space_group_name_H-M   'P 21 21 21'
#
loop_
_entity.id
_entity.type
_entity.pdbx_description
1 polymer 'Cetuximab Fab light chain'
2 polymer 'Cetuximab Fab heavy chain'
3 polymer Meditope
4 non-polymer 2-acetamido-2-deoxy-beta-D-glucopyranose
5 non-polymer 'PHOSPHATE ION'
6 water water
#
loop_
_entity_poly.entity_id
_entity_poly.type
_entity_poly.pdbx_seq_one_letter_code
_entity_poly.pdbx_strand_id
1 'polypeptide(L)'
;DILLTQSPVILSVSPGERVSFSCRASQSIGTNIHWYQQRTNGSPRLLIKYASESISGIPSRFSGSGSGTDFTLSINSVES
EDIADYYCQQNNNWPTTFGAGTKLELKRTVAAPSVFIFPPSDEQLKSGTASVVCLLNNFYPREAKVQWKVDNALQSGNSQ
ESVTEQDSKDSTYSLSSTLTLSKADYEKHKVYACEVTHQGLSSPVTKSFNRGA
;
A,C
2 'polypeptide(L)'
;QVQLKQSGPGLVQPSQSLSITCTVSGFSLTNYGVHWVRQSPGKGLEWLGVIWSGGNTDYNTPFTSRLSINKDNSKSQVFF
KMNSLQSNDTAIYYCARALTYYDYEFAYWGQGTLVTVSAASTKGPSVFPLAPSSKSTSGGTAALGCLVKDYFPEPVTVSW
NSGALTSGVHTFPAVLQSSGLYSLSSVVTVPSSSLGTQTYICNVNHKPSNTKVDKRVEPKS
;
B,D
3 'polypeptide(L)' (SC2)QFDLSTRRLRCGGSK E,F
#
loop_
_chem_comp.id
_chem_comp.type
_chem_comp.name
_chem_comp.formula
NAG D-saccharide, beta linking 2-acetamido-2-deoxy-beta-D-glucopyranose 'C8 H15 N O6'
PO4 non-polymer 'PHOSPHATE ION' 'O4 P -3'
SC2 peptide-like N-ACETYL-L-CYSTEINE 'C5 H9 N O3 S'
#
# COMPACT_ATOMS: atom_id res chain seq x y z
N ASP A 1 9.38 16.84 25.35
CA ASP A 1 9.31 17.54 24.07
C ASP A 1 7.95 17.35 23.41
N ILE A 2 7.69 18.10 22.35
CA ILE A 2 6.47 17.92 21.58
C ILE A 2 6.60 16.66 20.73
N LEU A 3 5.65 15.75 20.90
CA LEU A 3 5.63 14.54 20.09
C LEU A 3 4.80 14.76 18.83
N LEU A 4 5.42 14.51 17.68
CA LEU A 4 4.73 14.62 16.40
C LEU A 4 4.46 13.25 15.83
N THR A 5 3.20 12.98 15.50
CA THR A 5 2.82 11.69 14.93
C THR A 5 2.38 11.85 13.48
N GLN A 6 3.06 11.15 12.58
CA GLN A 6 2.70 11.19 11.18
C GLN A 6 1.97 9.92 10.76
N SER A 7 0.85 10.09 10.05
CA SER A 7 -0.01 8.98 9.70
C SER A 7 -0.49 9.09 8.26
N PRO A 8 -0.54 7.95 7.55
CA PRO A 8 -0.02 6.67 8.04
C PRO A 8 1.47 6.57 7.75
N VAL A 9 2.05 5.41 8.01
CA VAL A 9 3.48 5.20 7.78
C VAL A 9 3.79 5.12 6.28
N ILE A 10 3.07 4.26 5.57
CA ILE A 10 3.25 4.12 4.12
C ILE A 10 2.03 4.70 3.40
N LEU A 11 2.25 5.17 2.19
CA LEU A 11 1.18 5.79 1.40
C LEU A 11 1.40 5.48 -0.08
N SER A 12 0.51 4.70 -0.67
CA SER A 12 0.66 4.29 -2.06
C SER A 12 -0.45 4.86 -2.93
N VAL A 13 -0.08 5.61 -3.96
CA VAL A 13 -1.05 6.25 -4.84
C VAL A 13 -0.69 6.08 -6.32
N SER A 14 -1.55 6.62 -7.19
CA SER A 14 -1.33 6.57 -8.63
C SER A 14 -1.08 7.98 -9.16
N PRO A 15 -0.33 8.10 -10.28
CA PRO A 15 0.00 9.43 -10.82
C PRO A 15 -1.24 10.24 -11.18
N GLY A 16 -1.16 11.56 -10.97
CA GLY A 16 -2.26 12.45 -11.29
C GLY A 16 -3.21 12.62 -10.12
N GLU A 17 -3.22 11.65 -9.21
CA GLU A 17 -4.08 11.69 -8.04
C GLU A 17 -3.61 12.72 -7.02
N ARG A 18 -4.52 13.11 -6.13
CA ARG A 18 -4.21 14.03 -5.05
C ARG A 18 -3.96 13.22 -3.77
N VAL A 19 -2.99 13.65 -2.98
CA VAL A 19 -2.61 12.91 -1.77
C VAL A 19 -2.39 13.86 -0.58
N SER A 20 -2.73 13.40 0.62
CA SER A 20 -2.57 14.21 1.83
C SER A 20 -1.73 13.51 2.89
N PHE A 21 -0.85 14.26 3.54
CA PHE A 21 -0.04 13.75 4.64
C PHE A 21 -0.52 14.34 5.95
N SER A 22 -0.59 13.52 6.98
CA SER A 22 -1.07 13.95 8.27
C SER A 22 0.05 14.09 9.29
N CYS A 23 0.05 15.20 10.02
CA CYS A 23 0.98 15.41 11.12
C CYS A 23 0.24 15.94 12.33
N ARG A 24 0.18 15.11 13.37
CA ARG A 24 -0.54 15.49 14.59
C ARG A 24 0.39 15.71 15.77
N ALA A 25 0.13 16.77 16.54
CA ALA A 25 0.98 17.14 17.66
C ALA A 25 0.39 16.72 19.00
N SER A 26 1.26 16.47 19.98
CA SER A 26 0.84 16.04 21.31
C SER A 26 0.10 17.15 22.06
N GLN A 27 0.35 18.38 21.66
CA GLN A 27 -0.39 19.53 22.18
C GLN A 27 -0.32 20.67 21.18
N SER A 28 -1.11 21.72 21.40
CA SER A 28 -1.24 22.81 20.45
C SER A 28 0.10 23.51 20.17
N ILE A 29 0.37 23.75 18.88
CA ILE A 29 1.59 24.43 18.47
C ILE A 29 1.26 25.54 17.48
N GLY A 30 0.01 25.97 17.45
CA GLY A 30 -0.43 27.02 16.54
C GLY A 30 -0.30 26.61 15.09
N THR A 31 0.46 27.40 14.33
CA THR A 31 0.77 27.06 12.95
C THR A 31 2.26 26.87 12.77
N ASN A 32 2.98 26.72 13.88
CA ASN A 32 4.43 26.60 13.83
C ASN A 32 4.88 25.21 13.40
N ILE A 33 4.61 24.88 12.14
CA ILE A 33 5.03 23.59 11.60
C ILE A 33 5.63 23.76 10.21
N HIS A 34 6.68 23.00 9.94
CA HIS A 34 7.34 23.03 8.64
C HIS A 34 7.35 21.63 8.03
N TRP A 35 7.37 21.56 6.70
CA TRP A 35 7.37 20.28 5.99
C TRP A 35 8.62 20.12 5.15
N TYR A 36 9.12 18.89 5.07
CA TYR A 36 10.32 18.59 4.31
C TYR A 36 10.15 17.38 3.40
N GLN A 37 10.96 17.31 2.35
CA GLN A 37 10.97 16.17 1.45
C GLN A 37 12.36 15.53 1.42
N GLN A 38 12.42 14.21 1.47
CA GLN A 38 13.69 13.52 1.33
C GLN A 38 13.65 12.48 0.21
N ARG A 39 14.26 12.83 -0.92
CA ARG A 39 14.44 11.89 -2.03
C ARG A 39 15.61 10.97 -1.74
N THR A 40 15.69 9.87 -2.49
CA THR A 40 16.76 8.88 -2.32
C THR A 40 18.15 9.50 -2.37
N ASN A 41 18.97 9.18 -1.37
CA ASN A 41 20.34 9.69 -1.25
C ASN A 41 20.43 11.21 -1.16
N GLY A 42 19.33 11.86 -0.80
CA GLY A 42 19.30 13.30 -0.70
C GLY A 42 19.23 13.81 0.73
N SER A 43 19.42 15.11 0.88
CA SER A 43 19.19 15.76 2.16
C SER A 43 17.75 16.27 2.12
N PRO A 44 17.20 16.60 3.30
CA PRO A 44 15.84 17.15 3.37
C PRO A 44 15.69 18.44 2.58
N ARG A 45 14.52 18.64 1.99
N ARG A 45 14.50 18.65 2.02
CA ARG A 45 14.24 19.85 1.23
CA ARG A 45 14.21 19.82 1.21
C ARG A 45 12.98 20.51 1.75
C ARG A 45 12.96 20.52 1.72
N LEU A 46 13.11 21.76 2.19
CA LEU A 46 12.00 22.51 2.77
C LEU A 46 10.89 22.74 1.75
N LEU A 47 9.71 22.19 2.04
CA LEU A 47 8.57 22.28 1.12
C LEU A 47 7.62 23.40 1.50
N ILE A 48 7.23 23.45 2.78
CA ILE A 48 6.27 24.42 3.28
C ILE A 48 6.72 24.89 4.66
N LYS A 49 6.64 26.19 4.91
CA LYS A 49 6.96 26.72 6.24
C LYS A 49 5.71 27.33 6.89
N TYR A 50 5.61 27.17 8.21
CA TYR A 50 4.50 27.71 8.98
C TYR A 50 3.15 27.28 8.45
N ALA A 51 2.95 25.96 8.40
CA ALA A 51 1.68 25.34 8.02
C ALA A 51 1.28 25.51 6.57
N SER A 52 1.33 26.73 6.04
CA SER A 52 0.76 27.00 4.72
C SER A 52 1.60 27.91 3.81
N GLU A 53 2.57 28.60 4.38
CA GLU A 53 3.38 29.53 3.58
C GLU A 53 4.27 28.79 2.58
N SER A 54 4.28 29.28 1.34
CA SER A 54 5.01 28.61 0.26
C SER A 54 6.48 28.98 0.23
N ILE A 55 7.27 28.16 -0.46
CA ILE A 55 8.72 28.32 -0.53
C ILE A 55 9.15 28.51 -1.98
N SER A 56 10.08 29.43 -2.21
CA SER A 56 10.63 29.67 -3.54
C SER A 56 11.26 28.42 -4.15
N GLY A 57 10.97 28.15 -5.41
CA GLY A 57 11.53 27.03 -6.11
C GLY A 57 10.75 25.74 -5.93
N ILE A 58 9.76 25.77 -5.04
CA ILE A 58 8.91 24.61 -4.80
C ILE A 58 7.65 24.67 -5.67
N PRO A 59 7.39 23.61 -6.44
CA PRO A 59 6.23 23.50 -7.34
C PRO A 59 4.91 23.88 -6.67
N SER A 60 4.02 24.49 -7.44
CA SER A 60 2.75 24.97 -6.93
C SER A 60 1.84 23.86 -6.42
N ARG A 61 2.11 22.63 -6.84
CA ARG A 61 1.25 21.50 -6.47
C ARG A 61 1.38 21.11 -4.99
N PHE A 62 2.40 21.65 -4.32
CA PHE A 62 2.57 21.42 -2.89
C PHE A 62 1.89 22.52 -2.07
N SER A 63 0.99 22.11 -1.18
CA SER A 63 0.35 23.05 -0.28
C SER A 63 0.23 22.47 1.13
N GLY A 64 -0.10 23.32 2.10
CA GLY A 64 -0.27 22.89 3.47
C GLY A 64 -1.39 23.63 4.17
N SER A 65 -1.94 23.02 5.21
CA SER A 65 -3.00 23.65 5.99
C SER A 65 -3.04 23.05 7.40
N GLY A 66 -3.84 23.68 8.27
CA GLY A 66 -3.99 23.19 9.62
C GLY A 66 -3.54 24.20 10.66
N SER A 67 -4.05 24.02 11.88
CA SER A 67 -3.69 24.85 13.02
C SER A 67 -4.00 24.10 14.32
N GLY A 68 -3.21 24.37 15.36
CA GLY A 68 -3.40 23.69 16.63
C GLY A 68 -2.64 22.39 16.72
N THR A 69 -3.31 21.28 16.45
CA THR A 69 -2.70 19.97 16.59
C THR A 69 -2.83 19.08 15.35
N ASP A 70 -3.66 19.48 14.39
CA ASP A 70 -3.89 18.67 13.19
C ASP A 70 -3.47 19.41 11.93
N PHE A 71 -2.46 18.86 11.24
CA PHE A 71 -1.87 19.52 10.08
C PHE A 71 -1.85 18.64 8.84
N THR A 72 -1.89 19.26 7.66
CA THR A 72 -1.97 18.50 6.41
C THR A 72 -1.08 19.05 5.30
N LEU A 73 -0.21 18.19 4.79
CA LEU A 73 0.57 18.49 3.59
C LEU A 73 -0.12 17.82 2.40
N SER A 74 -0.33 18.56 1.33
CA SER A 74 -1.05 18.03 0.17
C SER A 74 -0.31 18.20 -1.15
N ILE A 75 -0.48 17.23 -2.03
CA ILE A 75 0.00 17.31 -3.41
C ILE A 75 -1.18 17.03 -4.32
N ASN A 76 -1.67 18.06 -5.03
CA ASN A 76 -2.92 17.94 -5.78
C ASN A 76 -2.86 17.01 -6.98
N SER A 77 -1.66 16.80 -7.52
CA SER A 77 -1.48 15.91 -8.65
C SER A 77 -0.08 15.33 -8.62
N VAL A 78 0.02 14.09 -8.15
CA VAL A 78 1.30 13.46 -7.88
C VAL A 78 2.04 13.07 -9.15
N GLU A 79 3.34 13.35 -9.18
CA GLU A 79 4.19 12.91 -10.28
C GLU A 79 5.13 11.83 -9.77
N SER A 80 5.82 11.16 -10.70
CA SER A 80 6.75 10.10 -10.32
C SER A 80 7.94 10.69 -9.56
N GLU A 81 8.25 11.95 -9.84
CA GLU A 81 9.36 12.62 -9.18
C GLU A 81 9.07 12.88 -7.70
N ASP A 82 7.80 12.70 -7.30
CA ASP A 82 7.39 12.95 -5.93
C ASP A 82 7.68 11.78 -4.99
N ILE A 83 8.21 10.68 -5.53
CA ILE A 83 8.58 9.52 -4.72
C ILE A 83 9.65 9.92 -3.70
N ALA A 84 9.25 9.97 -2.44
CA ALA A 84 10.15 10.37 -1.37
C ALA A 84 9.51 10.10 0.00
N ASP A 85 10.21 10.51 1.05
CA ASP A 85 9.65 10.50 2.39
C ASP A 85 9.33 11.95 2.78
N TYR A 86 8.34 12.13 3.63
CA TYR A 86 7.90 13.47 3.99
C TYR A 86 7.83 13.64 5.50
N TYR A 87 8.52 14.67 6.00
CA TYR A 87 8.62 14.90 7.43
C TYR A 87 8.02 16.24 7.83
N CYS A 88 7.39 16.27 9.00
CA CYS A 88 6.94 17.53 9.58
C CYS A 88 7.87 17.92 10.74
N GLN A 89 7.89 19.20 11.05
CA GLN A 89 8.75 19.71 12.11
C GLN A 89 7.99 20.80 12.86
N GLN A 90 8.03 20.76 14.19
CA GLN A 90 7.43 21.83 14.98
C GLN A 90 8.51 22.71 15.57
N ASN A 91 8.19 23.98 15.78
CA ASN A 91 9.10 24.88 16.46
C ASN A 91 8.37 25.87 17.38
N ASN A 92 7.22 25.45 17.90
CA ASN A 92 6.50 26.25 18.87
C ASN A 92 7.13 26.08 20.25
N ASN A 93 7.75 24.93 20.46
CA ASN A 93 8.41 24.61 21.73
C ASN A 93 9.86 24.18 21.51
N TRP A 94 10.72 24.54 22.45
CA TRP A 94 12.13 24.15 22.39
C TRP A 94 12.31 22.83 23.13
N PRO A 95 13.09 21.90 22.54
CA PRO A 95 13.78 22.05 21.26
C PRO A 95 12.87 21.66 20.08
N THR A 96 13.22 22.11 18.89
CA THR A 96 12.46 21.76 17.70
C THR A 96 12.54 20.25 17.46
N THR A 97 11.42 19.64 17.09
CA THR A 97 11.37 18.20 16.90
C THR A 97 10.74 17.82 15.56
N PHE A 98 11.03 16.61 15.11
CA PHE A 98 10.54 16.11 13.83
C PHE A 98 9.63 14.91 14.03
N GLY A 99 8.71 14.71 13.10
CA GLY A 99 7.90 13.50 13.08
C GLY A 99 8.71 12.35 12.51
N ALA A 100 8.12 11.16 12.47
CA ALA A 100 8.84 9.97 12.00
C ALA A 100 8.81 9.81 10.48
N GLY A 101 7.91 10.53 9.83
CA GLY A 101 7.86 10.54 8.38
C GLY A 101 6.83 9.62 7.74
N THR A 102 6.44 9.96 6.52
CA THR A 102 5.52 9.14 5.73
C THR A 102 6.15 8.82 4.37
N LYS A 103 6.17 7.55 4.01
CA LYS A 103 6.75 7.10 2.74
C LYS A 103 5.70 7.15 1.63
N LEU A 104 6.02 7.84 0.54
CA LEU A 104 5.11 7.94 -0.59
C LEU A 104 5.56 7.02 -1.73
N GLU A 105 4.75 6.00 -1.99
CA GLU A 105 5.02 5.08 -3.09
C GLU A 105 4.05 5.35 -4.23
N LEU A 106 4.49 5.11 -5.46
CA LEU A 106 3.62 5.29 -6.62
C LEU A 106 3.27 3.96 -7.27
N LYS A 107 2.01 3.85 -7.72
CA LYS A 107 1.57 2.69 -8.48
C LYS A 107 1.82 2.95 -9.96
N ARG A 108 2.03 1.88 -10.72
CA ARG A 108 2.11 1.99 -12.17
C ARG A 108 1.69 0.68 -12.82
N THR A 109 1.72 0.64 -14.14
CA THR A 109 1.34 -0.57 -14.85
C THR A 109 2.41 -1.63 -14.62
N VAL A 110 1.99 -2.90 -14.65
CA VAL A 110 2.91 -4.01 -14.47
C VAL A 110 3.99 -4.00 -15.56
N ALA A 111 5.23 -4.19 -15.14
CA ALA A 111 6.36 -4.26 -16.06
C ALA A 111 7.19 -5.48 -15.74
N ALA A 112 7.34 -6.37 -16.72
CA ALA A 112 8.16 -7.56 -16.53
C ALA A 112 9.63 -7.17 -16.51
N PRO A 113 10.42 -7.80 -15.64
CA PRO A 113 11.84 -7.48 -15.56
C PRO A 113 12.61 -8.01 -16.77
N SER A 114 13.69 -7.31 -17.13
CA SER A 114 14.66 -7.84 -18.07
C SER A 114 15.74 -8.53 -17.25
N VAL A 115 16.07 -9.76 -17.61
CA VAL A 115 16.95 -10.58 -16.80
C VAL A 115 18.31 -10.81 -17.45
N PHE A 116 19.36 -10.42 -16.74
CA PHE A 116 20.72 -10.60 -17.22
C PHE A 116 21.54 -11.33 -16.17
N ILE A 117 22.44 -12.21 -16.60
CA ILE A 117 23.29 -12.94 -15.68
C ILE A 117 24.77 -12.69 -15.96
N PHE A 118 25.56 -12.52 -14.90
CA PHE A 118 26.98 -12.26 -15.03
C PHE A 118 27.80 -13.33 -14.31
N PRO A 119 28.56 -14.12 -15.07
CA PRO A 119 29.53 -15.05 -14.48
C PRO A 119 30.63 -14.27 -13.76
N PRO A 120 31.30 -14.90 -12.79
CA PRO A 120 32.39 -14.21 -12.08
C PRO A 120 33.54 -13.84 -13.01
N SER A 121 34.17 -12.72 -12.73
CA SER A 121 35.31 -12.26 -13.52
C SER A 121 36.53 -13.11 -13.19
N ASP A 122 37.42 -13.24 -14.15
CA ASP A 122 38.69 -13.93 -13.93
C ASP A 122 39.51 -13.17 -12.89
N GLU A 123 39.30 -11.85 -12.84
CA GLU A 123 39.97 -11.01 -11.85
C GLU A 123 39.56 -11.40 -10.43
N GLN A 124 38.27 -11.63 -10.23
CA GLN A 124 37.77 -12.01 -8.91
C GLN A 124 38.23 -13.42 -8.53
N LEU A 125 38.28 -14.31 -9.51
CA LEU A 125 38.70 -15.69 -9.27
C LEU A 125 40.14 -15.79 -8.78
N LYS A 126 40.95 -14.78 -9.09
CA LYS A 126 42.33 -14.72 -8.61
C LYS A 126 42.40 -14.52 -7.10
N SER A 127 41.25 -14.25 -6.47
CA SER A 127 41.19 -13.98 -5.04
C SER A 127 40.73 -15.19 -4.25
N GLY A 128 40.07 -16.13 -4.92
CA GLY A 128 39.59 -17.33 -4.27
C GLY A 128 38.12 -17.24 -3.91
N THR A 129 37.41 -16.33 -4.56
CA THR A 129 35.97 -16.17 -4.34
C THR A 129 35.27 -15.93 -5.67
N ALA A 130 34.08 -16.52 -5.83
CA ALA A 130 33.30 -16.37 -7.04
C ALA A 130 31.94 -15.75 -6.75
N SER A 131 31.63 -14.66 -7.44
CA SER A 131 30.32 -14.03 -7.32
C SER A 131 29.58 -14.11 -8.65
N VAL A 132 28.43 -14.77 -8.63
CA VAL A 132 27.57 -14.82 -9.80
C VAL A 132 26.43 -13.83 -9.60
N VAL A 133 26.30 -12.87 -10.51
CA VAL A 133 25.31 -11.82 -10.35
C VAL A 133 24.14 -12.01 -11.29
N CYS A 134 22.93 -11.97 -10.73
CA CYS A 134 21.73 -12.02 -11.55
C CYS A 134 20.97 -10.70 -11.41
N LEU A 135 20.76 -10.04 -12.55
CA LEU A 135 20.12 -8.74 -12.57
C LEU A 135 18.69 -8.80 -13.10
N LEU A 136 17.76 -8.28 -12.30
CA LEU A 136 16.39 -8.09 -12.73
C LEU A 136 16.16 -6.60 -12.90
N ASN A 137 16.02 -6.15 -14.15
CA ASN A 137 16.03 -4.73 -14.43
C ASN A 137 14.64 -4.14 -14.76
N ASN A 138 14.34 -3.00 -14.14
CA ASN A 138 13.16 -2.19 -14.48
C ASN A 138 11.83 -2.95 -14.46
N PHE A 139 11.36 -3.29 -13.27
CA PHE A 139 10.12 -4.02 -13.16
C PHE A 139 9.17 -3.43 -12.13
N TYR A 140 7.90 -3.77 -12.26
CA TYR A 140 6.88 -3.40 -11.28
C TYR A 140 5.81 -4.48 -11.29
N PRO A 141 5.35 -4.90 -10.09
CA PRO A 141 5.72 -4.36 -8.78
C PRO A 141 7.01 -4.96 -8.21
N ARG A 142 7.29 -4.62 -6.97
CA ARG A 142 8.55 -4.96 -6.31
C ARG A 142 8.73 -6.46 -6.10
N GLU A 143 7.65 -7.17 -5.80
CA GLU A 143 7.74 -8.60 -5.50
C GLU A 143 8.29 -9.39 -6.67
N ALA A 144 9.29 -10.23 -6.37
CA ALA A 144 9.88 -11.11 -7.37
C ALA A 144 10.58 -12.29 -6.68
N LYS A 145 10.67 -13.41 -7.39
CA LYS A 145 11.38 -14.58 -6.86
C LYS A 145 12.61 -14.86 -7.69
N VAL A 146 13.72 -15.15 -7.02
CA VAL A 146 14.93 -15.57 -7.71
C VAL A 146 15.40 -16.90 -7.16
N GLN A 147 15.50 -17.90 -8.02
CA GLN A 147 15.93 -19.23 -7.61
C GLN A 147 17.27 -19.56 -8.27
N TRP A 148 18.24 -19.97 -7.46
CA TRP A 148 19.54 -20.35 -7.97
C TRP A 148 19.69 -21.86 -8.02
N LYS A 149 20.19 -22.36 -9.15
CA LYS A 149 20.49 -23.78 -9.28
C LYS A 149 21.87 -23.97 -9.89
N VAL A 150 22.69 -24.78 -9.21
CA VAL A 150 24.02 -25.12 -9.70
C VAL A 150 24.09 -26.62 -9.97
N ASP A 151 24.26 -26.99 -11.23
CA ASP A 151 24.19 -28.38 -11.64
C ASP A 151 22.90 -29.03 -11.14
N ASN A 152 21.78 -28.33 -11.36
CA ASN A 152 20.45 -28.80 -10.98
C ASN A 152 20.21 -28.91 -9.48
N ALA A 153 21.17 -28.44 -8.68
CA ALA A 153 21.02 -28.44 -7.23
C ALA A 153 20.53 -27.08 -6.74
N LEU A 154 19.40 -27.10 -6.03
CA LEU A 154 18.83 -25.88 -5.47
C LEU A 154 19.78 -25.25 -4.45
N GLN A 155 20.14 -24.00 -4.68
CA GLN A 155 21.00 -23.27 -3.75
C GLN A 155 20.13 -22.56 -2.70
N SER A 156 20.60 -22.55 -1.46
CA SER A 156 19.85 -21.89 -0.40
C SER A 156 20.78 -21.31 0.67
N GLY A 157 20.60 -20.03 0.96
CA GLY A 157 21.36 -19.37 1.99
C GLY A 157 22.64 -18.72 1.50
N ASN A 158 23.09 -19.11 0.30
CA ASN A 158 24.37 -18.61 -0.22
C ASN A 158 24.23 -17.50 -1.27
N SER A 159 23.13 -16.75 -1.21
CA SER A 159 22.91 -15.63 -2.11
C SER A 159 22.31 -14.46 -1.35
N GLN A 160 22.56 -13.25 -1.84
CA GLN A 160 21.99 -12.07 -1.23
C GLN A 160 21.31 -11.17 -2.25
N GLU A 161 20.18 -10.60 -1.86
CA GLU A 161 19.43 -9.71 -2.74
C GLU A 161 19.56 -8.25 -2.32
N SER A 162 19.45 -7.36 -3.29
CA SER A 162 19.39 -5.94 -3.02
C SER A 162 18.42 -5.30 -4.00
N VAL A 163 17.53 -4.47 -3.48
CA VAL A 163 16.53 -3.81 -4.32
C VAL A 163 16.70 -2.30 -4.25
N THR A 164 16.73 -1.66 -5.41
CA THR A 164 16.82 -0.20 -5.46
C THR A 164 15.53 0.41 -4.96
N GLU A 165 15.59 1.67 -4.55
CA GLU A 165 14.38 2.42 -4.28
C GLU A 165 13.67 2.66 -5.61
N GLN A 166 12.43 3.12 -5.53
CA GLN A 166 11.65 3.34 -6.74
C GLN A 166 12.27 4.43 -7.61
N ASP A 167 12.28 4.20 -8.92
CA ASP A 167 12.85 5.15 -9.86
C ASP A 167 11.98 6.39 -9.97
N SER A 168 12.59 7.56 -9.94
CA SER A 168 11.85 8.81 -9.95
C SER A 168 11.27 9.15 -11.33
N LYS A 169 11.73 8.43 -12.34
CA LYS A 169 11.30 8.72 -13.71
C LYS A 169 10.20 7.79 -14.21
N ASP A 170 10.40 6.47 -14.08
CA ASP A 170 9.43 5.50 -14.58
C ASP A 170 8.82 4.62 -13.50
N SER A 171 9.18 4.89 -12.24
CA SER A 171 8.56 4.23 -11.08
C SER A 171 8.80 2.72 -11.00
N THR A 172 9.86 2.24 -11.63
CA THR A 172 10.17 0.82 -11.58
C THR A 172 11.17 0.49 -10.49
N TYR A 173 11.42 -0.80 -10.31
CA TYR A 173 12.44 -1.28 -9.40
C TYR A 173 13.47 -2.08 -10.19
N SER A 174 14.67 -2.19 -9.64
CA SER A 174 15.64 -3.14 -10.17
C SER A 174 16.17 -3.98 -9.02
N LEU A 175 16.49 -5.24 -9.30
CA LEU A 175 16.93 -6.16 -8.27
C LEU A 175 18.22 -6.84 -8.68
N SER A 176 19.09 -7.08 -7.71
CA SER A 176 20.29 -7.85 -7.95
C SER A 176 20.30 -9.04 -7.00
N SER A 177 20.58 -10.22 -7.54
CA SER A 177 20.78 -11.40 -6.71
C SER A 177 22.18 -11.93 -6.94
N THR A 178 22.96 -11.99 -5.85
CA THR A 178 24.37 -12.37 -5.96
C THR A 178 24.65 -13.68 -5.23
N LEU A 179 24.90 -14.73 -6.02
CA LEU A 179 25.30 -16.02 -5.48
C LEU A 179 26.80 -15.99 -5.23
N THR A 180 27.21 -16.26 -4.00
CA THR A 180 28.62 -16.25 -3.65
C THR A 180 29.11 -17.62 -3.18
N LEU A 181 30.19 -18.10 -3.78
CA LEU A 181 30.76 -19.39 -3.44
C LEU A 181 32.29 -19.36 -3.58
N SER A 182 32.96 -20.31 -2.94
CA SER A 182 34.42 -20.37 -3.00
C SER A 182 34.89 -20.68 -4.42
N LYS A 183 36.15 -20.39 -4.71
CA LYS A 183 36.68 -20.67 -6.03
C LYS A 183 36.74 -22.18 -6.26
N ALA A 184 37.02 -22.92 -5.19
CA ALA A 184 37.09 -24.38 -5.26
C ALA A 184 35.75 -24.98 -5.69
N ASP A 185 34.69 -24.60 -4.99
CA ASP A 185 33.34 -25.04 -5.30
C ASP A 185 32.92 -24.63 -6.71
N TYR A 186 33.23 -23.40 -7.08
CA TYR A 186 32.85 -22.87 -8.38
C TYR A 186 33.48 -23.69 -9.51
N GLU A 187 34.70 -24.16 -9.28
CA GLU A 187 35.41 -24.95 -10.28
C GLU A 187 34.96 -26.41 -10.31
N LYS A 188 34.22 -26.82 -9.29
CA LYS A 188 33.74 -28.20 -9.19
C LYS A 188 32.36 -28.38 -9.83
N HIS A 189 31.85 -27.33 -10.44
CA HIS A 189 30.50 -27.36 -11.03
C HIS A 189 30.48 -26.73 -12.41
N LYS A 190 29.44 -27.02 -13.19
CA LYS A 190 29.37 -26.55 -14.58
C LYS A 190 28.23 -25.57 -14.88
N VAL A 191 26.98 -25.99 -14.68
CA VAL A 191 25.83 -25.17 -15.04
C VAL A 191 25.34 -24.28 -13.89
N TYR A 192 25.32 -22.99 -14.14
CA TYR A 192 24.83 -22.02 -13.16
C TYR A 192 23.62 -21.32 -13.73
N ALA A 193 22.49 -21.44 -13.04
CA ALA A 193 21.22 -20.94 -13.58
C ALA A 193 20.47 -20.07 -12.59
N CYS A 194 19.89 -18.99 -13.12
CA CYS A 194 19.10 -18.07 -12.34
C CYS A 194 17.69 -18.02 -12.90
N GLU A 195 16.71 -18.41 -12.08
CA GLU A 195 15.33 -18.47 -12.55
C GLU A 195 14.46 -17.42 -11.87
N VAL A 196 13.80 -16.62 -12.69
CA VAL A 196 13.07 -15.45 -12.21
C VAL A 196 11.56 -15.62 -12.34
N THR A 197 10.84 -15.32 -11.27
CA THR A 197 9.38 -15.36 -11.27
C THR A 197 8.84 -13.96 -10.98
N HIS A 198 7.94 -13.49 -11.83
CA HIS A 198 7.35 -12.17 -11.65
C HIS A 198 5.95 -12.13 -12.24
N GLN A 199 5.11 -11.23 -11.71
CA GLN A 199 3.73 -11.08 -12.15
C GLN A 199 3.62 -10.75 -13.65
N GLY A 200 4.59 -10.02 -14.17
CA GLY A 200 4.57 -9.61 -15.57
C GLY A 200 5.08 -10.67 -16.51
N LEU A 201 5.47 -11.82 -15.97
CA LEU A 201 5.95 -12.93 -16.77
C LEU A 201 4.91 -14.04 -16.86
N SER A 202 4.60 -14.47 -18.08
CA SER A 202 3.63 -15.54 -18.28
C SER A 202 4.29 -16.89 -18.02
N SER A 203 5.60 -16.85 -17.78
CA SER A 203 6.39 -18.05 -17.59
C SER A 203 7.70 -17.63 -16.91
N PRO A 204 8.24 -18.49 -16.03
CA PRO A 204 9.51 -18.17 -15.37
C PRO A 204 10.66 -18.02 -16.36
N VAL A 205 11.48 -17.00 -16.17
CA VAL A 205 12.62 -16.73 -17.05
C VAL A 205 13.91 -17.29 -16.45
N THR A 206 14.61 -18.09 -17.23
CA THR A 206 15.85 -18.69 -16.75
C THR A 206 17.05 -18.19 -17.55
N LYS A 207 18.00 -17.58 -16.86
CA LYS A 207 19.26 -17.20 -17.46
C LYS A 207 20.36 -18.09 -16.88
N SER A 208 21.19 -18.63 -17.76
CA SER A 208 22.23 -19.57 -17.32
C SER A 208 23.47 -19.54 -18.21
N PHE A 209 24.54 -20.12 -17.71
CA PHE A 209 25.77 -20.22 -18.46
C PHE A 209 26.56 -21.45 -18.02
N ASN A 210 27.42 -21.95 -18.90
CA ASN A 210 28.33 -23.02 -18.56
C ASN A 210 29.71 -22.44 -18.29
N ARG A 211 30.29 -22.79 -17.13
CA ARG A 211 31.62 -22.30 -16.77
C ARG A 211 32.67 -22.73 -17.80
N GLY A 212 33.26 -21.75 -18.48
CA GLY A 212 34.24 -22.02 -19.52
C GLY A 212 33.60 -22.20 -20.89
N GLN B 1 25.43 31.08 -5.23
CA GLN B 1 24.30 30.64 -4.43
C GLN B 1 24.73 30.19 -3.04
N VAL B 2 23.75 29.96 -2.16
CA VAL B 2 24.03 29.52 -0.80
C VAL B 2 24.36 28.03 -0.77
N GLN B 3 25.53 27.69 -0.23
CA GLN B 3 25.98 26.30 -0.17
C GLN B 3 26.57 25.94 1.19
N LEU B 4 26.31 24.71 1.63
CA LEU B 4 26.96 24.16 2.81
C LEU B 4 27.64 22.85 2.43
N LYS B 5 28.96 22.83 2.51
CA LYS B 5 29.74 21.65 2.16
C LYS B 5 30.39 21.05 3.40
N GLN B 6 30.11 19.79 3.65
CA GLN B 6 30.60 19.12 4.85
C GLN B 6 31.80 18.24 4.55
N SER B 7 32.60 17.96 5.59
CA SER B 7 33.73 17.06 5.47
C SER B 7 33.25 15.61 5.26
N GLY B 8 34.13 14.78 4.70
CA GLY B 8 33.77 13.44 4.29
C GLY B 8 33.40 12.46 5.40
N PRO B 9 32.75 11.36 5.03
CA PRO B 9 32.31 10.34 5.99
C PRO B 9 33.49 9.51 6.48
N GLY B 10 33.31 8.85 7.61
CA GLY B 10 34.39 8.07 8.19
C GLY B 10 33.98 7.22 9.38
N LEU B 11 34.92 6.45 9.88
CA LEU B 11 34.69 5.56 11.00
C LEU B 11 35.15 6.21 12.29
N VAL B 12 34.39 6.02 13.36
CA VAL B 12 34.76 6.49 14.68
C VAL B 12 34.63 5.33 15.66
N GLN B 13 35.66 5.07 16.45
CA GLN B 13 35.65 4.05 17.47
C GLN B 13 34.72 4.36 18.61
N PRO B 14 34.21 3.35 19.27
CA PRO B 14 33.39 3.58 20.46
C PRO B 14 34.15 4.34 21.55
N SER B 15 33.44 5.22 22.26
CA SER B 15 33.99 6.08 23.31
C SER B 15 34.97 7.14 22.79
N GLN B 16 35.11 7.25 21.47
CA GLN B 16 35.95 8.29 20.87
C GLN B 16 35.11 9.47 20.40
N SER B 17 35.78 10.47 19.82
CA SER B 17 35.12 11.72 19.45
C SER B 17 34.90 11.86 17.94
N LEU B 18 33.90 12.67 17.58
CA LEU B 18 33.56 12.91 16.19
C LEU B 18 33.78 14.37 15.82
N SER B 19 34.43 14.61 14.69
CA SER B 19 34.66 15.96 14.22
C SER B 19 34.18 16.14 12.78
N ILE B 20 33.34 17.14 12.55
CA ILE B 20 32.85 17.46 11.22
C ILE B 20 33.00 18.96 10.95
N THR B 21 33.54 19.30 9.78
CA THR B 21 33.69 20.69 9.38
C THR B 21 32.63 21.04 8.36
N CYS B 22 31.97 22.19 8.56
CA CYS B 22 30.98 22.68 7.62
C CYS B 22 31.46 23.99 7.01
N THR B 23 31.87 23.94 5.75
CA THR B 23 32.30 25.13 5.03
C THR B 23 31.11 25.72 4.28
N VAL B 24 30.86 27.02 4.47
CA VAL B 24 29.71 27.67 3.87
C VAL B 24 30.10 28.76 2.89
N SER B 25 29.22 29.02 1.92
CA SER B 25 29.40 30.11 0.98
C SER B 25 28.04 30.65 0.56
N GLY B 26 28.05 31.85 -0.03
CA GLY B 26 26.81 32.50 -0.43
C GLY B 26 26.21 33.33 0.68
N PHE B 27 26.85 33.28 1.85
CA PHE B 27 26.44 34.08 3.00
C PHE B 27 27.55 34.12 4.04
N SER B 28 27.43 35.02 5.00
CA SER B 28 28.44 35.18 6.03
C SER B 28 27.97 34.62 7.36
N LEU B 29 28.89 33.98 8.09
CA LEU B 29 28.58 33.42 9.40
C LEU B 29 28.34 34.52 10.43
N THR B 30 28.64 35.76 10.06
CA THR B 30 28.39 36.91 10.93
C THR B 30 26.94 37.37 10.79
N ASN B 31 26.25 36.83 9.78
CA ASN B 31 24.86 37.18 9.51
C ASN B 31 23.86 36.08 9.82
N TYR B 32 24.32 34.83 9.79
CA TYR B 32 23.43 33.69 9.98
C TYR B 32 23.98 32.66 10.94
N GLY B 33 23.09 32.01 11.68
CA GLY B 33 23.47 30.92 12.56
C GLY B 33 23.45 29.61 11.80
N VAL B 34 24.29 28.67 12.23
CA VAL B 34 24.34 27.36 11.59
C VAL B 34 23.89 26.26 12.55
N HIS B 35 22.91 25.47 12.12
CA HIS B 35 22.37 24.41 12.95
C HIS B 35 22.97 23.05 12.59
N TRP B 36 22.91 22.13 13.53
CA TRP B 36 23.35 20.76 13.29
C TRP B 36 22.22 19.78 13.58
N VAL B 37 21.89 18.96 12.59
CA VAL B 37 20.82 17.97 12.71
C VAL B 37 21.38 16.60 12.33
N ARG B 38 20.96 15.56 13.04
CA ARG B 38 21.35 14.20 12.66
C ARG B 38 20.13 13.32 12.38
N GLN B 39 20.36 12.26 11.61
CA GLN B 39 19.30 11.33 11.22
C GLN B 39 19.79 9.89 11.43
N SER B 40 19.18 9.20 12.39
CA SER B 40 19.59 7.85 12.74
C SER B 40 18.43 6.87 12.52
N PRO B 41 18.75 5.58 12.33
CA PRO B 41 17.68 4.58 12.14
C PRO B 41 16.74 4.47 13.33
N GLY B 42 17.24 4.74 14.52
CA GLY B 42 16.43 4.60 15.73
C GLY B 42 15.61 5.81 16.13
N LYS B 43 16.19 6.99 16.06
CA LYS B 43 15.50 8.20 16.49
C LYS B 43 15.15 9.17 15.35
N GLY B 44 15.44 8.77 14.11
CA GLY B 44 15.12 9.59 12.96
C GLY B 44 15.78 10.96 12.98
N LEU B 45 15.08 11.97 12.48
CA LEU B 45 15.59 13.33 12.48
C LEU B 45 15.64 13.91 13.89
N GLU B 46 16.80 14.44 14.25
CA GLU B 46 17.06 14.92 15.60
C GLU B 46 17.88 16.21 15.56
N TRP B 47 17.32 17.29 16.10
CA TRP B 47 18.04 18.55 16.18
C TRP B 47 19.07 18.50 17.31
N LEU B 48 20.32 18.75 16.99
CA LEU B 48 21.41 18.65 17.95
C LEU B 48 21.74 19.98 18.63
N GLY B 49 22.00 21.00 17.83
CA GLY B 49 22.35 22.31 18.36
C GLY B 49 22.54 23.37 17.29
N VAL B 50 23.08 24.53 17.69
CA VAL B 50 23.25 25.65 16.80
C VAL B 50 24.31 26.63 17.30
N ILE B 51 25.09 27.18 16.38
CA ILE B 51 25.99 28.28 16.71
C ILE B 51 25.50 29.56 16.05
N TRP B 52 25.23 30.58 16.87
CA TRP B 52 24.63 31.81 16.37
C TRP B 52 25.66 32.76 15.79
N SER B 53 25.19 33.75 15.03
CA SER B 53 26.06 34.71 14.36
C SER B 53 26.94 35.48 15.34
N GLY B 54 26.48 35.61 16.59
CA GLY B 54 27.21 36.32 17.61
C GLY B 54 28.25 35.47 18.32
N GLY B 55 28.11 34.15 18.21
CA GLY B 55 29.04 33.24 18.83
C GLY B 55 28.42 32.36 19.90
N ASN B 56 27.21 32.73 20.31
CA ASN B 56 26.47 31.95 21.30
C ASN B 56 26.06 30.58 20.76
N THR B 57 25.98 29.60 21.64
CA THR B 57 25.59 28.25 21.24
C THR B 57 24.45 27.71 22.11
N ASP B 58 23.55 26.95 21.48
CA ASP B 58 22.53 26.20 22.22
C ASP B 58 22.67 24.72 21.87
N TYR B 59 22.64 23.87 22.88
CA TYR B 59 22.66 22.43 22.64
C TYR B 59 21.40 21.77 23.18
N ASN B 60 20.83 20.84 22.41
CA ASN B 60 19.73 20.02 22.88
C ASN B 60 20.16 19.31 24.15
N THR B 61 19.31 19.34 25.17
CA THR B 61 19.67 18.90 26.52
C THR B 61 20.40 17.55 26.68
N PRO B 62 19.97 16.50 25.94
CA PRO B 62 20.73 15.25 26.08
C PRO B 62 22.14 15.29 25.47
N PHE B 63 22.50 16.39 24.84
CA PHE B 63 23.81 16.50 24.18
C PHE B 63 24.67 17.59 24.78
N THR B 64 24.11 18.37 25.69
CA THR B 64 24.81 19.51 26.29
C THR B 64 26.15 19.16 26.93
N SER B 65 26.28 17.92 27.38
CA SER B 65 27.45 17.48 28.14
C SER B 65 28.59 16.99 27.25
N ARG B 66 28.29 16.68 26.00
CA ARG B 66 29.30 16.13 25.11
C ARG B 66 29.31 16.77 23.72
N LEU B 67 28.69 17.94 23.62
CA LEU B 67 28.67 18.66 22.34
C LEU B 67 29.38 20.00 22.45
N SER B 68 30.12 20.37 21.41
CA SER B 68 30.72 21.69 21.32
C SER B 68 30.78 22.13 19.87
N ILE B 69 30.28 23.34 19.59
CA ILE B 69 30.32 23.87 18.24
C ILE B 69 31.10 25.17 18.18
N ASN B 70 32.07 25.23 17.28
CA ASN B 70 32.87 26.43 17.08
C ASN B 70 32.87 26.84 15.62
N LYS B 71 33.44 28.00 15.33
CA LYS B 71 33.47 28.49 13.96
C LYS B 71 34.58 29.51 13.73
N ASP B 72 35.00 29.61 12.48
CA ASP B 72 35.93 30.65 12.04
C ASP B 72 35.22 31.48 10.98
N ASN B 73 34.74 32.65 11.37
CA ASN B 73 34.01 33.53 10.47
C ASN B 73 34.76 33.85 9.18
N SER B 74 36.04 34.19 9.33
CA SER B 74 36.88 34.54 8.19
C SER B 74 37.02 33.39 7.21
N LYS B 75 37.14 32.18 7.74
CA LYS B 75 37.32 30.98 6.90
C LYS B 75 35.98 30.36 6.48
N SER B 76 34.89 30.93 6.97
CA SER B 76 33.54 30.46 6.67
C SER B 76 33.35 28.99 7.04
N GLN B 77 33.96 28.57 8.15
CA GLN B 77 33.89 27.19 8.59
C GLN B 77 33.23 27.07 9.95
N VAL B 78 32.40 26.03 10.10
CA VAL B 78 31.77 25.72 11.39
C VAL B 78 32.25 24.34 11.82
N PHE B 79 32.59 24.21 13.10
CA PHE B 79 33.16 22.97 13.59
C PHE B 79 32.26 22.24 14.57
N PHE B 80 31.92 21.00 14.23
CA PHE B 80 31.06 20.17 15.06
C PHE B 80 31.90 19.12 15.76
N LYS B 81 31.74 19.00 17.07
CA LYS B 81 32.49 18.00 17.84
C LYS B 81 31.62 17.38 18.93
N MET B 82 31.56 16.06 18.94
CA MET B 82 30.78 15.33 19.93
C MET B 82 31.60 14.23 20.59
N ASN B 83 31.61 14.17 21.93
CA ASN B 83 32.42 13.21 22.66
CA ASN B 83 32.45 13.17 22.58
C ASN B 83 31.70 11.92 23.01
N SER B 84 32.49 10.93 23.40
CA SER B 84 32.00 9.62 23.87
C SER B 84 30.93 9.00 22.98
N LEU B 85 31.29 8.70 21.74
CA LEU B 85 30.33 8.12 20.80
C LEU B 85 30.06 6.64 21.07
N GLN B 86 28.84 6.23 20.85
CA GLN B 86 28.39 4.91 21.07
C GLN B 86 27.72 4.49 19.82
N SER B 87 27.33 3.22 19.75
CA SER B 87 26.87 2.60 18.51
C SER B 87 25.65 3.27 17.87
N ASN B 88 24.70 3.69 18.70
CA ASN B 88 23.49 4.34 18.20
C ASN B 88 23.72 5.81 17.86
N ASP B 89 24.99 6.24 17.90
CA ASP B 89 25.36 7.56 17.41
C ASP B 89 25.73 7.46 15.94
N THR B 90 25.74 6.23 15.42
CA THR B 90 25.90 6.00 13.99
C THR B 90 24.73 6.62 13.27
N ALA B 91 25.00 7.65 12.47
CA ALA B 91 23.94 8.37 11.77
C ALA B 91 24.52 9.27 10.68
N ILE B 92 23.62 9.94 9.96
CA ILE B 92 24.01 10.97 9.03
C ILE B 92 23.92 12.30 9.76
N TYR B 93 25.00 13.07 9.73
CA TYR B 93 25.00 14.38 10.36
C TYR B 93 24.94 15.47 9.33
N TYR B 94 24.01 16.41 9.52
CA TYR B 94 23.85 17.54 8.60
C TYR B 94 24.18 18.84 9.31
N CYS B 95 24.73 19.79 8.56
CA CYS B 95 24.71 21.18 8.99
C CYS B 95 23.68 21.90 8.12
N ALA B 96 23.00 22.90 8.68
CA ALA B 96 21.94 23.57 7.95
C ALA B 96 21.82 25.05 8.31
N ARG B 97 21.19 25.80 7.42
CA ARG B 97 20.93 27.22 7.65
C ARG B 97 19.45 27.50 7.46
N ALA B 98 18.91 28.40 8.27
CA ALA B 98 17.50 28.76 8.21
C ALA B 98 17.27 29.89 7.21
N LEU B 99 16.00 30.18 6.94
CA LEU B 99 15.63 31.27 6.03
C LEU B 99 15.98 32.64 6.61
N THR B 100 15.67 32.85 7.88
CA THR B 100 16.05 34.09 8.57
C THR B 100 17.07 33.79 9.66
N TYR B 101 17.75 34.83 10.12
CA TYR B 101 18.88 34.68 11.04
C TYR B 101 18.50 34.10 12.41
N TYR B 102 17.21 34.15 12.74
CA TYR B 102 16.76 33.77 14.08
C TYR B 102 15.91 32.51 14.10
N ASP B 103 15.41 32.11 12.93
CA ASP B 103 14.38 31.08 12.84
C ASP B 103 14.95 29.66 12.74
N TYR B 104 14.07 28.69 12.54
CA TYR B 104 14.45 27.29 12.56
C TYR B 104 13.94 26.52 11.34
N GLU B 105 13.37 27.21 10.37
CA GLU B 105 12.95 26.54 9.15
C GLU B 105 14.16 26.39 8.21
N PHE B 106 14.63 25.15 8.06
CA PHE B 106 15.90 24.89 7.41
C PHE B 106 15.79 24.82 5.88
N ALA B 107 16.08 25.94 5.23
CA ALA B 107 15.95 26.05 3.78
C ALA B 107 17.17 25.50 3.03
N TYR B 108 18.32 25.50 3.70
CA TYR B 108 19.57 25.04 3.08
C TYR B 108 20.23 23.96 3.92
N TRP B 109 20.65 22.87 3.27
CA TRP B 109 21.26 21.76 3.98
C TRP B 109 22.62 21.38 3.39
N GLY B 110 23.49 20.85 4.24
CA GLY B 110 24.71 20.23 3.77
C GLY B 110 24.37 18.89 3.16
N GLN B 111 25.35 18.26 2.51
CA GLN B 111 25.08 16.99 1.83
C GLN B 111 25.01 15.81 2.80
N GLY B 112 25.29 16.08 4.07
CA GLY B 112 25.25 15.05 5.10
C GLY B 112 26.57 14.30 5.22
N THR B 113 26.88 13.85 6.43
CA THR B 113 28.08 13.06 6.66
C THR B 113 27.75 11.77 7.40
N LEU B 114 27.81 10.64 6.70
CA LEU B 114 27.52 9.36 7.33
C LEU B 114 28.65 8.97 8.29
N VAL B 115 28.35 9.02 9.58
CA VAL B 115 29.33 8.62 10.58
C VAL B 115 28.97 7.26 11.15
N THR B 116 29.88 6.31 11.02
CA THR B 116 29.68 4.97 11.55
C THR B 116 30.50 4.77 12.80
N VAL B 117 29.85 4.34 13.87
CA VAL B 117 30.55 4.05 15.12
C VAL B 117 30.69 2.55 15.32
N SER B 118 31.90 2.05 15.10
CA SER B 118 32.18 0.63 15.25
C SER B 118 33.61 0.42 15.72
N ALA B 119 33.91 -0.78 16.19
CA ALA B 119 35.24 -1.10 16.68
C ALA B 119 36.11 -1.70 15.57
N ALA B 120 35.50 -1.91 14.41
CA ALA B 120 36.18 -2.55 13.29
C ALA B 120 37.21 -1.63 12.63
N SER B 121 37.80 -2.11 11.53
CA SER B 121 38.76 -1.31 10.79
C SER B 121 38.21 -0.87 9.45
N THR B 122 38.72 0.26 8.96
CA THR B 122 38.35 0.76 7.64
C THR B 122 39.03 -0.08 6.58
N LYS B 123 38.28 -0.52 5.58
CA LYS B 123 38.83 -1.32 4.50
C LYS B 123 38.29 -0.88 3.15
N GLY B 124 39.20 -0.65 2.21
CA GLY B 124 38.83 -0.28 0.85
C GLY B 124 38.24 -1.47 0.11
N PRO B 125 37.40 -1.19 -0.89
CA PRO B 125 36.77 -2.24 -1.71
C PRO B 125 37.67 -2.71 -2.85
N SER B 126 37.48 -3.95 -3.27
CA SER B 126 38.03 -4.41 -4.54
C SER B 126 36.94 -4.21 -5.57
N VAL B 127 37.34 -3.85 -6.79
CA VAL B 127 36.35 -3.60 -7.85
C VAL B 127 36.55 -4.58 -9.01
N PHE B 128 35.50 -5.35 -9.28
CA PHE B 128 35.55 -6.33 -10.36
C PHE B 128 34.52 -6.01 -11.44
N PRO B 129 34.86 -6.28 -12.71
CA PRO B 129 33.96 -5.93 -13.80
C PRO B 129 32.81 -6.92 -13.96
N LEU B 130 31.63 -6.41 -14.28
CA LEU B 130 30.52 -7.26 -14.70
C LEU B 130 30.41 -7.12 -16.20
N ALA B 131 31.13 -7.99 -16.91
CA ALA B 131 31.28 -7.87 -18.35
C ALA B 131 29.98 -8.14 -19.10
N PRO B 132 29.70 -7.31 -20.12
CA PRO B 132 28.57 -7.56 -21.01
C PRO B 132 28.90 -8.71 -21.93
N SER B 133 27.89 -9.47 -22.33
CA SER B 133 28.07 -10.58 -23.26
C SER B 133 26.74 -10.89 -23.91
N SER B 134 26.61 -12.02 -24.56
CA SER B 134 25.31 -12.50 -25.04
C SER B 134 24.36 -12.82 -23.88
N LYS B 135 24.94 -13.17 -22.75
CA LYS B 135 24.20 -13.56 -21.58
C LYS B 135 23.64 -12.33 -20.92
N SER B 136 23.95 -11.19 -21.51
CA SER B 136 23.42 -9.97 -20.94
C SER B 136 23.10 -8.94 -22.02
N THR B 137 22.63 -9.42 -23.17
CA THR B 137 22.29 -8.55 -24.30
C THR B 137 21.04 -9.03 -25.02
N SER B 138 19.97 -8.26 -24.91
CA SER B 138 18.72 -8.60 -25.58
C SER B 138 18.06 -7.39 -26.24
N GLY B 139 17.70 -7.55 -27.51
CA GLY B 139 17.03 -6.50 -28.25
C GLY B 139 17.89 -5.29 -28.51
N GLY B 140 19.18 -5.51 -28.72
CA GLY B 140 20.12 -4.43 -28.99
C GLY B 140 20.56 -3.68 -27.74
N THR B 141 20.10 -4.14 -26.58
CA THR B 141 20.46 -3.51 -25.31
C THR B 141 21.36 -4.42 -24.48
N ALA B 142 22.55 -3.93 -24.16
CA ALA B 142 23.49 -4.70 -23.36
C ALA B 142 23.60 -4.15 -21.94
N ALA B 143 23.71 -5.05 -20.98
CA ALA B 143 23.87 -4.65 -19.59
C ALA B 143 25.30 -4.93 -19.12
N LEU B 144 25.85 -4.01 -18.34
CA LEU B 144 27.18 -4.19 -17.77
C LEU B 144 27.24 -3.42 -16.47
N GLY B 145 28.23 -3.76 -15.63
CA GLY B 145 28.37 -3.09 -14.36
C GLY B 145 29.66 -3.40 -13.63
N CYS B 146 29.72 -2.98 -12.36
CA CYS B 146 30.90 -3.20 -11.51
C CYS B 146 30.50 -3.81 -10.18
N LEU B 147 31.30 -4.78 -9.74
CA LEU B 147 31.10 -5.38 -8.43
C LEU B 147 32.04 -4.72 -7.42
N VAL B 148 31.47 -3.93 -6.51
CA VAL B 148 32.23 -3.25 -5.48
C VAL B 148 32.16 -4.05 -4.19
N LYS B 149 33.22 -4.79 -3.90
CA LYS B 149 33.16 -5.83 -2.87
C LYS B 149 34.10 -5.65 -1.67
N ASP B 150 33.62 -6.07 -0.51
CA ASP B 150 34.43 -6.15 0.71
C ASP B 150 35.02 -4.84 1.21
N TYR B 151 34.15 -3.87 1.48
CA TYR B 151 34.61 -2.60 2.05
C TYR B 151 33.91 -2.28 3.36
N PHE B 152 34.45 -1.31 4.09
CA PHE B 152 33.87 -0.85 5.34
C PHE B 152 34.51 0.48 5.75
N PRO B 153 33.69 1.43 6.23
CA PRO B 153 32.23 1.31 6.32
C PRO B 153 31.58 1.91 5.09
N GLU B 154 30.26 2.05 5.12
CA GLU B 154 29.54 2.83 4.13
C GLU B 154 29.98 4.28 4.29
N PRO B 155 29.83 5.10 3.24
CA PRO B 155 29.30 4.78 1.93
C PRO B 155 30.39 4.64 0.87
N VAL B 156 29.98 4.31 -0.34
CA VAL B 156 30.88 4.34 -1.49
C VAL B 156 30.13 4.99 -2.65
N THR B 157 30.78 5.93 -3.32
CA THR B 157 30.15 6.59 -4.45
C THR B 157 30.58 5.92 -5.74
N VAL B 158 29.62 5.65 -6.61
CA VAL B 158 29.91 5.08 -7.91
C VAL B 158 29.31 5.97 -8.98
N SER B 159 30.13 6.36 -9.94
CA SER B 159 29.63 7.07 -11.10
C SER B 159 30.15 6.37 -12.34
N TRP B 160 29.62 6.74 -13.49
CA TRP B 160 30.03 6.14 -14.74
C TRP B 160 30.54 7.19 -15.71
N ASN B 161 31.64 6.86 -16.39
CA ASN B 161 32.31 7.78 -17.32
C ASN B 161 32.47 9.19 -16.76
N SER B 162 32.96 9.27 -15.52
CA SER B 162 33.22 10.54 -14.85
C SER B 162 32.00 11.46 -14.76
N GLY B 163 30.82 10.86 -14.72
CA GLY B 163 29.59 11.62 -14.59
C GLY B 163 28.83 11.80 -15.90
N ALA B 164 29.48 11.48 -17.01
CA ALA B 164 28.87 11.68 -18.33
C ALA B 164 27.74 10.69 -18.60
N LEU B 165 27.77 9.56 -17.90
CA LEU B 165 26.78 8.51 -18.10
C LEU B 165 25.92 8.32 -16.85
N THR B 166 24.68 8.77 -16.92
CA THR B 166 23.79 8.70 -15.76
C THR B 166 22.51 7.90 -16.03
N SER B 167 21.98 7.99 -17.24
CA SER B 167 20.74 7.29 -17.56
C SER B 167 20.98 5.80 -17.76
N GLY B 168 20.12 4.99 -17.15
CA GLY B 168 20.24 3.55 -17.23
C GLY B 168 21.08 2.99 -16.10
N VAL B 169 21.58 3.88 -15.25
CA VAL B 169 22.44 3.47 -14.14
C VAL B 169 21.65 3.05 -12.90
N HIS B 170 22.00 1.89 -12.35
CA HIS B 170 21.43 1.44 -11.07
C HIS B 170 22.54 1.04 -10.12
N THR B 171 22.73 1.84 -9.08
CA THR B 171 23.68 1.50 -8.03
C THR B 171 22.91 0.92 -6.86
N PHE B 172 23.03 -0.38 -6.66
CA PHE B 172 22.25 -1.07 -5.64
C PHE B 172 22.72 -0.72 -4.24
N PRO B 173 21.77 -0.62 -3.30
CA PRO B 173 22.09 -0.44 -1.88
C PRO B 173 23.02 -1.54 -1.41
N ALA B 174 24.00 -1.19 -0.58
CA ALA B 174 24.96 -2.17 -0.08
C ALA B 174 24.29 -3.20 0.82
N VAL B 175 24.83 -4.41 0.84
CA VAL B 175 24.40 -5.42 1.79
C VAL B 175 25.57 -5.84 2.66
N LEU B 176 25.27 -6.20 3.92
CA LEU B 176 26.29 -6.60 4.86
C LEU B 176 26.51 -8.10 4.79
N GLN B 177 27.73 -8.51 4.48
CA GLN B 177 28.07 -9.92 4.41
C GLN B 177 28.37 -10.45 5.80
N SER B 178 28.49 -11.77 5.92
CA SER B 178 28.78 -12.40 7.21
C SER B 178 30.12 -11.92 7.77
N SER B 179 31.01 -11.47 6.89
CA SER B 179 32.32 -10.98 7.29
C SER B 179 32.23 -9.64 8.02
N GLY B 180 31.09 -8.97 7.88
CA GLY B 180 30.94 -7.64 8.46
C GLY B 180 31.34 -6.55 7.49
N LEU B 181 31.65 -6.94 6.26
CA LEU B 181 32.01 -6.00 5.21
C LEU B 181 30.85 -5.84 4.23
N TYR B 182 30.74 -4.67 3.61
CA TYR B 182 29.68 -4.40 2.65
C TYR B 182 30.07 -4.79 1.23
N SER B 183 29.06 -5.06 0.41
CA SER B 183 29.27 -5.36 -1.00
C SER B 183 28.08 -4.88 -1.82
N LEU B 184 28.34 -4.37 -3.01
CA LEU B 184 27.26 -3.95 -3.90
C LEU B 184 27.63 -4.08 -5.37
N SER B 185 26.63 -3.96 -6.23
CA SER B 185 26.86 -3.87 -7.66
C SER B 185 26.26 -2.57 -8.20
N SER B 186 26.91 -2.02 -9.20
CA SER B 186 26.37 -0.88 -9.93
C SER B 186 26.29 -1.33 -11.37
N VAL B 187 25.09 -1.22 -11.97
CA VAL B 187 24.93 -1.64 -13.34
C VAL B 187 24.41 -0.52 -14.23
N VAL B 188 24.57 -0.69 -15.53
CA VAL B 188 24.05 0.25 -16.51
C VAL B 188 23.71 -0.50 -17.79
N THR B 189 22.62 -0.10 -18.44
CA THR B 189 22.25 -0.68 -19.73
C THR B 189 22.65 0.28 -20.84
N VAL B 190 23.21 -0.28 -21.92
CA VAL B 190 23.69 0.53 -23.02
C VAL B 190 23.36 -0.14 -24.36
N PRO B 191 23.41 0.63 -25.46
CA PRO B 191 23.29 -0.01 -26.77
C PRO B 191 24.46 -0.96 -26.99
N SER B 192 24.19 -2.17 -27.44
CA SER B 192 25.25 -3.14 -27.68
C SER B 192 26.19 -2.70 -28.80
N SER B 193 25.68 -1.87 -29.70
CA SER B 193 26.48 -1.37 -30.83
C SER B 193 27.55 -0.39 -30.38
N SER B 194 27.40 0.16 -29.18
CA SER B 194 28.38 1.12 -28.65
C SER B 194 29.51 0.42 -27.90
N LEU B 195 29.36 -0.89 -27.70
CA LEU B 195 30.35 -1.66 -26.94
C LEU B 195 31.70 -1.70 -27.65
N GLY B 196 31.69 -1.53 -28.96
CA GLY B 196 32.92 -1.57 -29.73
C GLY B 196 33.61 -0.22 -29.84
N THR B 197 32.85 0.85 -29.66
CA THR B 197 33.39 2.19 -29.87
C THR B 197 33.49 3.04 -28.60
N GLN B 198 32.59 2.78 -27.65
CA GLN B 198 32.56 3.53 -26.39
C GLN B 198 33.29 2.80 -25.26
N THR B 199 34.01 3.56 -24.44
CA THR B 199 34.64 3.00 -23.26
C THR B 199 33.73 3.19 -22.06
N TYR B 200 33.57 2.15 -21.26
CA TYR B 200 32.72 2.24 -20.08
C TYR B 200 33.53 2.03 -18.81
N ILE B 201 33.57 3.07 -17.98
CA ILE B 201 34.35 3.04 -16.75
C ILE B 201 33.48 3.42 -15.57
N CYS B 202 33.50 2.58 -14.54
CA CYS B 202 32.84 2.96 -13.29
C CYS B 202 33.86 3.62 -12.36
N ASN B 203 33.49 4.77 -11.83
CA ASN B 203 34.36 5.52 -10.93
C ASN B 203 33.97 5.25 -9.49
N VAL B 204 34.80 4.48 -8.80
CA VAL B 204 34.54 4.10 -7.42
C VAL B 204 35.37 4.96 -6.47
N ASN B 205 34.70 5.55 -5.48
CA ASN B 205 35.36 6.34 -4.47
C ASN B 205 34.88 5.95 -3.08
N HIS B 206 35.73 5.29 -2.32
CA HIS B 206 35.43 4.97 -0.93
C HIS B 206 36.18 5.95 -0.03
N LYS B 207 35.54 7.08 0.26
CA LYS B 207 36.16 8.15 1.04
C LYS B 207 36.76 7.77 2.40
N PRO B 208 36.07 6.92 3.20
CA PRO B 208 36.65 6.58 4.52
C PRO B 208 38.05 5.96 4.45
N SER B 209 38.36 5.25 3.37
CA SER B 209 39.65 4.60 3.23
C SER B 209 40.51 5.29 2.19
N ASN B 210 40.03 6.41 1.66
CA ASN B 210 40.71 7.15 0.61
C ASN B 210 41.07 6.27 -0.59
N THR B 211 40.13 5.42 -0.98
CA THR B 211 40.36 4.49 -2.08
C THR B 211 39.56 4.91 -3.31
N LYS B 212 40.27 5.34 -4.34
CA LYS B 212 39.65 5.72 -5.60
C LYS B 212 40.09 4.76 -6.70
N VAL B 213 39.12 4.13 -7.36
CA VAL B 213 39.41 3.17 -8.40
C VAL B 213 38.55 3.44 -9.63
N ASP B 214 39.19 3.50 -10.79
CA ASP B 214 38.46 3.55 -12.05
C ASP B 214 38.58 2.18 -12.72
N LYS B 215 37.43 1.56 -12.96
CA LYS B 215 37.41 0.23 -13.54
C LYS B 215 36.82 0.23 -14.93
N ARG B 216 37.65 -0.14 -15.91
CA ARG B 216 37.22 -0.31 -17.29
C ARG B 216 36.48 -1.64 -17.43
N VAL B 217 35.30 -1.61 -18.05
CA VAL B 217 34.50 -2.81 -18.24
C VAL B 217 34.32 -3.19 -19.71
N GLU B 218 34.82 -4.32 -20.11
CA GLU B 218 34.81 -4.73 -21.50
C GLU B 218 34.07 -5.99 -21.72
N PRO B 219 33.65 -6.25 -22.93
CA PRO B 219 33.04 -7.54 -23.26
C PRO B 219 34.10 -8.64 -23.24
N LYS B 220 33.70 -9.87 -22.93
CA LYS B 220 34.65 -10.98 -22.87
C LYS B 220 34.37 -12.01 -23.97
N ASP C 1 -23.11 22.50 -2.33
CA ASP C 1 -23.13 21.84 -1.03
C ASP C 1 -21.77 21.89 -0.36
N ILE C 2 -21.69 21.36 0.85
CA ILE C 2 -20.43 21.26 1.56
C ILE C 2 -19.65 20.05 1.06
N LEU C 3 -18.40 20.28 0.65
CA LEU C 3 -17.55 19.18 0.22
C LEU C 3 -16.75 18.65 1.40
N LEU C 4 -16.69 17.32 1.53
CA LEU C 4 -15.93 16.69 2.60
C LEU C 4 -14.81 15.84 2.01
N THR C 5 -13.58 16.20 2.36
CA THR C 5 -12.41 15.47 1.88
C THR C 5 -11.89 14.54 2.98
N GLN C 6 -11.97 13.24 2.73
CA GLN C 6 -11.44 12.26 3.67
C GLN C 6 -10.05 11.78 3.23
N SER C 7 -9.14 11.66 4.19
CA SER C 7 -7.79 11.20 3.91
C SER C 7 -7.28 10.31 5.03
N PRO C 8 -6.52 9.25 4.68
CA PRO C 8 -6.17 8.88 3.31
C PRO C 8 -7.31 8.14 2.63
N VAL C 9 -7.11 7.77 1.38
CA VAL C 9 -8.08 6.94 0.68
C VAL C 9 -8.00 5.52 1.24
N ILE C 10 -6.77 5.01 1.33
CA ILE C 10 -6.52 3.71 1.95
C ILE C 10 -5.65 3.89 3.18
N LEU C 11 -6.09 3.33 4.29
CA LEU C 11 -5.36 3.44 5.54
C LEU C 11 -4.83 2.08 5.99
N SER C 12 -3.53 1.87 5.79
CA SER C 12 -2.89 0.61 6.14
C SER C 12 -2.16 0.73 7.47
N VAL C 13 -2.57 -0.05 8.46
CA VAL C 13 -2.00 0.04 9.81
C VAL C 13 -1.71 -1.33 10.40
N SER C 14 -0.95 -1.34 11.49
CA SER C 14 -0.61 -2.58 12.18
C SER C 14 -1.52 -2.77 13.40
N PRO C 15 -1.85 -4.03 13.73
CA PRO C 15 -2.74 -4.30 14.87
C PRO C 15 -2.16 -3.78 16.18
N GLY C 16 -3.00 -3.13 16.99
CA GLY C 16 -2.58 -2.59 18.27
C GLY C 16 -2.23 -1.11 18.22
N GLU C 17 -2.07 -0.58 17.01
CA GLU C 17 -1.69 0.81 16.83
C GLU C 17 -2.87 1.78 17.02
N ARG C 18 -2.54 3.05 17.27
CA ARG C 18 -3.53 4.11 17.27
C ARG C 18 -3.78 4.52 15.82
N VAL C 19 -5.06 4.71 15.48
CA VAL C 19 -5.44 4.98 14.10
C VAL C 19 -6.23 6.29 13.99
N SER C 20 -5.86 7.13 13.03
CA SER C 20 -6.54 8.42 12.85
C SER C 20 -7.05 8.64 11.42
N PHE C 21 -8.36 8.78 11.29
CA PHE C 21 -8.98 9.13 10.01
C PHE C 21 -9.17 10.64 9.96
N SER C 22 -8.99 11.22 8.78
CA SER C 22 -9.09 12.67 8.63
C SER C 22 -10.28 13.08 7.76
N CYS C 23 -11.05 14.05 8.24
CA CYS C 23 -12.18 14.58 7.47
C CYS C 23 -12.16 16.10 7.47
N ARG C 24 -11.92 16.70 6.30
CA ARG C 24 -11.83 18.14 6.17
C ARG C 24 -13.01 18.70 5.40
N ALA C 25 -13.69 19.69 5.97
CA ALA C 25 -14.83 20.31 5.32
C ALA C 25 -14.38 21.48 4.44
N SER C 26 -15.15 21.76 3.39
CA SER C 26 -14.83 22.84 2.46
C SER C 26 -14.98 24.21 3.11
N GLN C 27 -15.79 24.28 4.17
CA GLN C 27 -15.93 25.49 4.98
C GLN C 27 -16.25 25.12 6.42
N SER C 28 -16.22 26.11 7.30
CA SER C 28 -16.45 25.87 8.73
C SER C 28 -17.85 25.30 9.00
N ILE C 29 -17.92 24.28 9.84
CA ILE C 29 -19.18 23.63 10.17
C ILE C 29 -19.30 23.35 11.66
N GLY C 30 -18.57 24.11 12.48
CA GLY C 30 -18.60 23.93 13.92
C GLY C 30 -18.16 22.54 14.33
N THR C 31 -19.07 21.81 14.98
CA THR C 31 -18.80 20.42 15.35
C THR C 31 -19.86 19.48 14.79
N ASN C 32 -20.57 19.93 13.76
CA ASN C 32 -21.65 19.15 13.17
C ASN C 32 -21.12 18.04 12.24
N ILE C 33 -20.37 17.11 12.82
CA ILE C 33 -19.81 15.99 12.06
C ILE C 33 -20.21 14.66 12.69
N HIS C 34 -20.69 13.73 11.87
CA HIS C 34 -21.00 12.38 12.33
C HIS C 34 -20.13 11.36 11.60
N TRP C 35 -19.72 10.32 12.32
CA TRP C 35 -18.87 9.28 11.75
C TRP C 35 -19.60 7.95 11.65
N TYR C 36 -19.24 7.17 10.63
CA TYR C 36 -19.89 5.89 10.39
C TYR C 36 -18.90 4.78 10.04
N GLN C 37 -19.30 3.56 10.34
CA GLN C 37 -18.52 2.38 9.97
C GLN C 37 -19.37 1.49 9.09
N GLN C 38 -18.81 1.04 7.97
CA GLN C 38 -19.50 0.06 7.13
C GLN C 38 -18.63 -1.18 6.94
N ARG C 39 -19.04 -2.27 7.56
CA ARG C 39 -18.38 -3.56 7.38
C ARG C 39 -18.97 -4.26 6.16
N THR C 40 -18.25 -5.29 5.68
CA THR C 40 -18.66 -6.05 4.50
C THR C 40 -20.10 -6.56 4.59
N ASN C 41 -20.87 -6.33 3.52
CA ASN C 41 -22.27 -6.73 3.43
C ASN C 41 -23.19 -6.06 4.46
N GLY C 42 -22.69 -5.01 5.10
CA GLY C 42 -23.45 -4.34 6.14
C GLY C 42 -23.95 -2.97 5.76
N SER C 43 -24.87 -2.45 6.56
CA SER C 43 -25.30 -1.06 6.43
C SER C 43 -24.37 -0.21 7.28
N PRO C 44 -24.32 1.10 7.03
CA PRO C 44 -23.51 2.01 7.84
C PRO C 44 -23.85 1.91 9.33
N ARG C 45 -22.84 2.14 10.17
CA ARG C 45 -22.98 2.02 11.62
CA ARG C 45 -22.99 2.03 11.62
C ARG C 45 -22.51 3.31 12.29
N LEU C 46 -23.41 3.99 13.00
CA LEU C 46 -23.06 5.24 13.66
C LEU C 46 -22.01 5.01 14.75
N LEU C 47 -20.88 5.69 14.62
CA LEU C 47 -19.78 5.56 15.58
C LEU C 47 -19.72 6.75 16.54
N ILE C 48 -19.70 7.95 15.98
CA ILE C 48 -19.52 9.18 16.74
C ILE C 48 -20.46 10.25 16.20
N LYS C 49 -21.18 10.93 17.09
CA LYS C 49 -22.04 12.04 16.67
C LYS C 49 -21.50 13.37 17.17
N TYR C 50 -21.69 14.42 16.38
CA TYR C 50 -21.22 15.76 16.72
C TYR C 50 -19.75 15.79 17.13
N ALA C 51 -18.88 15.44 16.19
CA ALA C 51 -17.43 15.50 16.37
C ALA C 51 -16.83 14.55 17.41
N SER C 52 -17.39 14.52 18.61
CA SER C 52 -16.74 13.84 19.73
C SER C 52 -17.66 13.02 20.64
N GLU C 53 -18.96 13.17 20.48
CA GLU C 53 -19.90 12.50 21.37
C GLU C 53 -20.04 11.01 21.05
N SER C 54 -20.17 10.20 22.09
CA SER C 54 -20.20 8.74 21.97
C SER C 54 -21.60 8.19 21.71
N ILE C 55 -21.64 7.00 21.12
CA ILE C 55 -22.89 6.32 20.83
C ILE C 55 -23.00 5.06 21.67
N SER C 56 -24.14 4.86 22.30
CA SER C 56 -24.40 3.67 23.11
C SER C 56 -24.25 2.40 22.29
N GLY C 57 -23.37 1.51 22.73
CA GLY C 57 -23.13 0.25 22.06
C GLY C 57 -21.79 0.19 21.37
N ILE C 58 -21.22 1.36 21.09
CA ILE C 58 -19.93 1.44 20.40
C ILE C 58 -18.79 1.35 21.41
N PRO C 59 -17.82 0.44 21.15
CA PRO C 59 -16.65 0.25 22.02
C PRO C 59 -15.88 1.55 22.26
N SER C 60 -15.39 1.71 23.49
CA SER C 60 -14.77 2.96 23.91
C SER C 60 -13.43 3.26 23.24
N ARG C 61 -12.94 2.35 22.42
CA ARG C 61 -11.69 2.58 21.71
C ARG C 61 -11.90 3.53 20.53
N PHE C 62 -13.16 3.78 20.20
CA PHE C 62 -13.51 4.79 19.21
C PHE C 62 -13.66 6.14 19.87
N SER C 63 -13.03 7.17 19.29
CA SER C 63 -13.21 8.53 19.75
C SER C 63 -13.14 9.52 18.59
N GLY C 64 -13.54 10.76 18.86
CA GLY C 64 -13.52 11.79 17.83
C GLY C 64 -13.09 13.14 18.37
N SER C 65 -12.47 13.94 17.51
CA SER C 65 -12.00 15.26 17.89
C SER C 65 -12.10 16.22 16.72
N GLY C 66 -12.10 17.52 17.01
CA GLY C 66 -12.12 18.52 15.96
C GLY C 66 -13.25 19.51 16.06
N SER C 67 -13.04 20.68 15.44
CA SER C 67 -14.05 21.72 15.36
C SER C 67 -13.64 22.71 14.29
N GLY C 68 -14.60 23.17 13.51
CA GLY C 68 -14.31 24.09 12.43
C GLY C 68 -14.33 23.41 11.06
N THR C 69 -13.15 23.00 10.59
CA THR C 69 -13.04 22.36 9.29
C THR C 69 -12.35 21.00 9.37
N ASP C 70 -11.42 20.85 10.31
CA ASP C 70 -10.63 19.63 10.41
C ASP C 70 -11.09 18.69 11.53
N PHE C 71 -11.54 17.50 11.15
CA PHE C 71 -12.07 16.54 12.12
C PHE C 71 -11.29 15.22 12.07
N THR C 72 -11.38 14.45 13.14
CA THR C 72 -10.61 13.23 13.26
C THR C 72 -11.38 12.10 13.93
N LEU C 73 -11.35 10.91 13.32
CA LEU C 73 -11.87 9.71 13.96
C LEU C 73 -10.69 8.87 14.45
N SER C 74 -10.73 8.47 15.71
CA SER C 74 -9.60 7.75 16.31
C SER C 74 -9.95 6.38 16.88
N ILE C 75 -9.11 5.40 16.56
CA ILE C 75 -9.19 4.07 17.14
C ILE C 75 -7.86 3.77 17.80
N ASN C 76 -7.84 3.78 19.13
CA ASN C 76 -6.56 3.73 19.85
C ASN C 76 -5.82 2.37 19.80
N SER C 77 -6.57 1.29 19.72
CA SER C 77 -5.96 -0.03 19.61
C SER C 77 -6.70 -0.86 18.58
N VAL C 78 -6.36 -0.63 17.30
CA VAL C 78 -7.08 -1.23 16.18
C VAL C 78 -6.99 -2.75 16.16
N GLU C 79 -8.12 -3.39 15.88
CA GLU C 79 -8.19 -4.85 15.79
C GLU C 79 -8.64 -5.26 14.40
N SER C 80 -8.53 -6.55 14.11
CA SER C 80 -8.96 -7.08 12.81
C SER C 80 -10.47 -6.93 12.60
N GLU C 81 -11.23 -6.84 13.69
CA GLU C 81 -12.67 -6.65 13.56
C GLU C 81 -13.03 -5.21 13.20
N ASP C 82 -12.04 -4.32 13.23
CA ASP C 82 -12.25 -2.94 12.84
C ASP C 82 -12.08 -2.75 11.33
N ILE C 83 -11.71 -3.83 10.64
CA ILE C 83 -11.57 -3.78 9.19
C ILE C 83 -12.89 -3.42 8.54
N ALA C 84 -12.94 -2.24 7.94
CA ALA C 84 -14.17 -1.70 7.34
C ALA C 84 -13.87 -0.39 6.62
N ASP C 85 -14.91 0.23 6.10
CA ASP C 85 -14.79 1.57 5.54
C ASP C 85 -15.36 2.59 6.53
N TYR C 86 -14.86 3.81 6.49
CA TYR C 86 -15.24 4.82 7.46
C TYR C 86 -15.63 6.12 6.79
N TYR C 87 -16.82 6.61 7.14
CA TYR C 87 -17.37 7.81 6.50
C TYR C 87 -17.62 8.93 7.49
N CYS C 88 -17.48 10.16 7.03
CA CYS C 88 -17.90 11.31 7.81
C CYS C 88 -19.11 11.97 7.17
N GLN C 89 -19.91 12.63 7.98
CA GLN C 89 -21.13 13.29 7.52
C GLN C 89 -21.26 14.66 8.17
N GLN C 90 -21.55 15.68 7.38
CA GLN C 90 -21.80 17.01 7.93
C GLN C 90 -23.29 17.32 7.91
N ASN C 91 -23.75 18.08 8.89
CA ASN C 91 -25.13 18.55 8.92
C ASN C 91 -25.26 19.96 9.48
N ASN C 92 -24.31 20.82 9.12
CA ASN C 92 -24.40 22.23 9.46
C ASN C 92 -25.12 22.97 8.34
N ASN C 93 -25.09 22.38 7.14
CA ASN C 93 -25.75 22.96 5.98
C ASN C 93 -26.63 21.94 5.26
N TRP C 94 -27.80 22.39 4.82
CA TRP C 94 -28.71 21.54 4.06
C TRP C 94 -28.28 21.52 2.60
N PRO C 95 -28.28 20.33 1.98
CA PRO C 95 -28.63 19.06 2.60
C PRO C 95 -27.41 18.40 3.23
N THR C 96 -27.65 17.44 4.12
CA THR C 96 -26.54 16.71 4.73
C THR C 96 -25.75 15.97 3.65
N THR C 97 -24.43 15.93 3.79
CA THR C 97 -23.58 15.31 2.80
C THR C 97 -22.53 14.42 3.46
N PHE C 98 -22.05 13.42 2.71
CA PHE C 98 -21.09 12.45 3.23
C PHE C 98 -19.74 12.58 2.52
N GLY C 99 -18.67 12.22 3.21
CA GLY C 99 -17.36 12.13 2.60
C GLY C 99 -17.28 10.93 1.67
N ALA C 100 -16.15 10.76 1.01
CA ALA C 100 -15.97 9.64 0.08
C ALA C 100 -15.50 8.37 0.79
N GLY C 101 -14.96 8.54 2.00
CA GLY C 101 -14.59 7.40 2.82
C GLY C 101 -13.12 7.03 2.84
N THR C 102 -12.72 6.31 3.88
CA THR C 102 -11.36 5.78 4.00
C THR C 102 -11.43 4.28 4.28
N LYS C 103 -10.71 3.49 3.47
CA LYS C 103 -10.68 2.05 3.64
C LYS C 103 -9.61 1.64 4.64
N LEU C 104 -10.00 0.94 5.69
CA LEU C 104 -9.04 0.49 6.70
C LEU C 104 -8.53 -0.92 6.42
N GLU C 105 -7.25 -1.01 6.09
CA GLU C 105 -6.60 -2.30 5.87
C GLU C 105 -5.66 -2.63 7.03
N LEU C 106 -5.64 -3.88 7.42
CA LEU C 106 -4.72 -4.35 8.43
C LEU C 106 -3.58 -5.21 7.95
N LYS C 107 -2.40 -4.88 8.39
CA LYS C 107 -1.18 -5.63 8.17
C LYS C 107 -1.07 -6.86 9.01
N ARG C 108 -0.37 -7.83 8.47
CA ARG C 108 -0.04 -9.02 9.23
C ARG C 108 1.12 -9.76 8.55
N THR C 109 1.56 -10.85 9.16
CA THR C 109 2.66 -11.64 8.61
C THR C 109 2.23 -12.33 7.33
N VAL C 110 3.21 -12.59 6.47
CA VAL C 110 2.98 -13.32 5.23
C VAL C 110 2.45 -14.72 5.53
N ALA C 111 1.37 -15.10 4.85
CA ALA C 111 0.82 -16.44 4.98
C ALA C 111 0.55 -17.01 3.59
N ALA C 112 1.20 -18.13 3.28
CA ALA C 112 0.99 -18.81 2.01
C ALA C 112 -0.44 -19.31 1.90
N PRO C 113 -0.97 -19.36 0.67
CA PRO C 113 -2.33 -19.87 0.47
C PRO C 113 -2.37 -21.40 0.46
N SER C 114 -3.47 -21.95 0.97
CA SER C 114 -3.78 -23.36 0.75
C SER C 114 -4.56 -23.44 -0.55
N VAL C 115 -4.18 -24.37 -1.41
CA VAL C 115 -4.75 -24.45 -2.75
C VAL C 115 -5.60 -25.70 -2.95
N PHE C 116 -6.77 -25.51 -3.56
CA PHE C 116 -7.69 -26.61 -3.83
C PHE C 116 -8.24 -26.49 -5.25
N ILE C 117 -8.37 -27.64 -5.93
CA ILE C 117 -8.95 -27.65 -7.27
C ILE C 117 -10.23 -28.48 -7.32
N PHE C 118 -11.24 -27.97 -8.03
CA PHE C 118 -12.54 -28.63 -8.13
C PHE C 118 -12.91 -28.87 -9.59
N PRO C 119 -13.03 -30.16 -9.98
CA PRO C 119 -13.50 -30.52 -11.31
C PRO C 119 -14.94 -30.05 -11.51
N PRO C 120 -15.38 -29.90 -12.77
CA PRO C 120 -16.78 -29.57 -13.00
C PRO C 120 -17.67 -30.74 -12.61
N SER C 121 -18.88 -30.46 -12.18
CA SER C 121 -19.84 -31.50 -11.84
C SER C 121 -20.39 -32.13 -13.11
N ASP C 122 -20.78 -33.40 -13.03
CA ASP C 122 -21.40 -34.08 -14.17
C ASP C 122 -22.72 -33.40 -14.54
N GLU C 123 -23.36 -32.79 -13.55
CA GLU C 123 -24.63 -32.11 -13.75
CA GLU C 123 -24.64 -32.12 -13.76
C GLU C 123 -24.50 -30.88 -14.63
N GLN C 124 -23.44 -30.10 -14.42
CA GLN C 124 -23.24 -28.89 -15.21
C GLN C 124 -22.90 -29.24 -16.67
N LEU C 125 -22.23 -30.37 -16.86
CA LEU C 125 -21.84 -30.79 -18.21
C LEU C 125 -23.04 -31.04 -19.12
N LYS C 126 -24.20 -31.28 -18.52
CA LYS C 126 -25.44 -31.44 -19.27
C LYS C 126 -25.79 -30.14 -20.01
N SER C 127 -25.37 -29.01 -19.45
CA SER C 127 -25.71 -27.72 -20.02
C SER C 127 -24.80 -27.37 -21.19
N GLY C 128 -23.68 -28.09 -21.30
CA GLY C 128 -22.74 -27.86 -22.37
C GLY C 128 -21.58 -26.98 -21.97
N THR C 129 -21.49 -26.70 -20.66
CA THR C 129 -20.44 -25.84 -20.13
C THR C 129 -19.70 -26.53 -18.98
N ALA C 130 -18.39 -26.35 -18.94
CA ALA C 130 -17.57 -26.90 -17.86
C ALA C 130 -16.87 -25.79 -17.09
N SER C 131 -17.11 -25.74 -15.78
CA SER C 131 -16.42 -24.79 -14.90
C SER C 131 -15.40 -25.53 -14.03
N VAL C 132 -14.14 -25.13 -14.13
CA VAL C 132 -13.11 -25.68 -13.26
C VAL C 132 -12.67 -24.58 -12.31
N VAL C 133 -12.77 -24.85 -11.01
CA VAL C 133 -12.54 -23.82 -10.02
C VAL C 133 -11.29 -24.10 -9.20
N CYS C 134 -10.52 -23.05 -8.94
CA CYS C 134 -9.34 -23.17 -8.09
C CYS C 134 -9.46 -22.24 -6.88
N LEU C 135 -9.25 -22.80 -5.69
CA LEU C 135 -9.41 -22.04 -4.46
C LEU C 135 -8.07 -21.75 -3.79
N LEU C 136 -7.83 -20.48 -3.49
CA LEU C 136 -6.67 -20.07 -2.72
C LEU C 136 -7.15 -19.54 -1.39
N ASN C 137 -6.97 -20.34 -0.33
CA ASN C 137 -7.59 -20.05 0.95
C ASN C 137 -6.66 -19.38 1.96
N ASN C 138 -7.15 -18.30 2.56
CA ASN C 138 -6.50 -17.65 3.71
C ASN C 138 -5.03 -17.29 3.53
N PHE C 139 -4.77 -16.21 2.80
CA PHE C 139 -3.39 -15.81 2.50
C PHE C 139 -3.17 -14.30 2.63
N TYR C 140 -1.90 -13.92 2.75
CA TYR C 140 -1.52 -12.51 2.85
C TYR C 140 -0.10 -12.34 2.34
N PRO C 141 0.17 -11.30 1.53
CA PRO C 141 -0.76 -10.24 1.13
C PRO C 141 -1.75 -10.62 0.03
N ARG C 142 -2.54 -9.65 -0.40
CA ARG C 142 -3.65 -9.87 -1.32
C ARG C 142 -3.24 -10.36 -2.72
N GLU C 143 -2.06 -9.94 -3.17
CA GLU C 143 -1.63 -10.25 -4.53
CA GLU C 143 -1.61 -10.24 -4.53
C GLU C 143 -1.21 -11.71 -4.70
N ALA C 144 -1.81 -12.38 -5.68
CA ALA C 144 -1.48 -13.75 -6.00
C ALA C 144 -1.79 -14.01 -7.46
N LYS C 145 -1.03 -14.91 -8.08
CA LYS C 145 -1.21 -15.22 -9.49
C LYS C 145 -1.63 -16.67 -9.69
N VAL C 146 -2.71 -16.86 -10.45
CA VAL C 146 -3.20 -18.19 -10.77
C VAL C 146 -3.11 -18.42 -12.28
N GLN C 147 -2.43 -19.49 -12.67
CA GLN C 147 -2.35 -19.86 -14.07
C GLN C 147 -2.99 -21.22 -14.30
N TRP C 148 -3.81 -21.31 -15.35
CA TRP C 148 -4.43 -22.58 -15.72
C TRP C 148 -3.66 -23.25 -16.84
N LYS C 149 -3.38 -24.53 -16.68
CA LYS C 149 -2.74 -25.31 -17.73
C LYS C 149 -3.55 -26.56 -18.04
N VAL C 150 -4.06 -26.64 -19.26
CA VAL C 150 -4.82 -27.79 -19.73
C VAL C 150 -3.95 -28.57 -20.71
N ASP C 151 -3.66 -29.83 -20.38
CA ASP C 151 -2.71 -30.64 -21.12
C ASP C 151 -1.41 -29.87 -21.38
N ASN C 152 -0.92 -29.20 -20.33
CA ASN C 152 0.33 -28.44 -20.36
C ASN C 152 0.32 -27.17 -21.23
N ALA C 153 -0.88 -26.74 -21.64
CA ALA C 153 -1.02 -25.50 -22.40
C ALA C 153 -1.55 -24.38 -21.52
N LEU C 154 -0.86 -23.24 -21.55
CA LEU C 154 -1.28 -22.08 -20.76
C LEU C 154 -2.60 -21.50 -21.27
N GLN C 155 -3.58 -21.42 -20.37
CA GLN C 155 -4.88 -20.84 -20.71
C GLN C 155 -4.84 -19.32 -20.55
N SER C 156 -5.48 -18.61 -21.48
CA SER C 156 -5.52 -17.16 -21.40
C SER C 156 -6.81 -16.62 -21.99
N GLY C 157 -7.53 -15.82 -21.20
CA GLY C 157 -8.75 -15.19 -21.65
C GLY C 157 -10.03 -15.93 -21.27
N ASN C 158 -9.87 -17.14 -20.74
CA ASN C 158 -11.04 -17.94 -20.37
C ASN C 158 -11.15 -18.22 -18.86
N SER C 159 -10.73 -17.27 -18.05
CA SER C 159 -10.83 -17.40 -16.60
C SER C 159 -11.16 -16.09 -15.91
N GLN C 160 -11.82 -16.18 -14.76
CA GLN C 160 -12.15 -15.01 -13.95
C GLN C 160 -11.81 -15.26 -12.48
N GLU C 161 -11.36 -14.20 -11.81
CA GLU C 161 -11.03 -14.30 -10.38
C GLU C 161 -11.94 -13.40 -9.56
N SER C 162 -12.07 -13.73 -8.27
CA SER C 162 -12.72 -12.86 -7.31
C SER C 162 -12.05 -13.02 -5.96
N VAL C 163 -11.74 -11.90 -5.32
CA VAL C 163 -11.07 -11.92 -4.03
C VAL C 163 -12.00 -11.42 -2.95
N THR C 164 -12.06 -12.13 -1.83
CA THR C 164 -12.87 -11.69 -0.69
C THR C 164 -12.22 -10.45 -0.09
N GLU C 165 -13.00 -9.68 0.66
CA GLU C 165 -12.42 -8.59 1.44
C GLU C 165 -11.58 -9.20 2.55
N GLN C 166 -10.78 -8.36 3.21
CA GLN C 166 -9.90 -8.85 4.26
C GLN C 166 -10.71 -9.40 5.44
N ASP C 167 -10.37 -10.63 5.84
CA ASP C 167 -11.08 -11.31 6.92
C ASP C 167 -10.97 -10.55 8.24
N SER C 168 -12.07 -10.49 9.00
CA SER C 168 -12.09 -9.70 10.22
C SER C 168 -11.56 -10.46 11.44
N LYS C 169 -11.12 -11.70 11.22
CA LYS C 169 -10.58 -12.50 12.31
C LYS C 169 -9.07 -12.71 12.17
N ASP C 170 -8.62 -13.17 11.01
CA ASP C 170 -7.20 -13.43 10.79
C ASP C 170 -6.53 -12.50 9.80
N SER C 171 -7.28 -11.54 9.28
CA SER C 171 -6.77 -10.52 8.35
C SER C 171 -6.26 -11.09 7.02
N THR C 172 -6.72 -12.28 6.66
CA THR C 172 -6.29 -12.90 5.41
C THR C 172 -7.28 -12.65 4.27
N TYR C 173 -6.88 -13.04 3.07
CA TYR C 173 -7.72 -12.96 1.90
C TYR C 173 -7.94 -14.36 1.36
N SER C 174 -8.99 -14.52 0.54
CA SER C 174 -9.21 -15.76 -0.19
C SER C 174 -9.48 -15.43 -1.64
N LEU C 175 -9.12 -16.35 -2.53
CA LEU C 175 -9.30 -16.14 -3.95
C LEU C 175 -9.94 -17.36 -4.60
N SER C 176 -10.85 -17.11 -5.52
CA SER C 176 -11.48 -18.16 -6.30
C SER C 176 -11.30 -17.87 -7.79
N SER C 177 -10.60 -18.76 -8.48
CA SER C 177 -10.41 -18.63 -9.92
C SER C 177 -11.27 -19.65 -10.64
N THR C 178 -12.03 -19.18 -11.64
CA THR C 178 -12.92 -20.05 -12.41
C THR C 178 -12.52 -20.12 -13.87
N LEU C 179 -12.13 -21.31 -14.33
CA LEU C 179 -11.84 -21.56 -15.75
C LEU C 179 -13.10 -22.05 -16.45
N THR C 180 -13.53 -21.34 -17.48
CA THR C 180 -14.73 -21.72 -18.23
C THR C 180 -14.38 -22.33 -19.59
N LEU C 181 -14.83 -23.57 -19.82
CA LEU C 181 -14.61 -24.27 -21.07
C LEU C 181 -15.93 -24.79 -21.60
N SER C 182 -16.00 -25.00 -22.91
CA SER C 182 -17.13 -25.71 -23.49
C SER C 182 -17.00 -27.18 -23.11
N LYS C 183 -18.11 -27.91 -23.13
CA LYS C 183 -18.09 -29.32 -22.81
C LYS C 183 -17.23 -30.08 -23.81
N ALA C 184 -17.34 -29.69 -25.07
CA ALA C 184 -16.55 -30.27 -26.15
C ALA C 184 -15.06 -30.18 -25.84
N ASP C 185 -14.58 -28.96 -25.60
CA ASP C 185 -13.18 -28.73 -25.27
C ASP C 185 -12.75 -29.49 -24.02
N TYR C 186 -13.64 -29.54 -23.03
CA TYR C 186 -13.32 -30.20 -21.78
C TYR C 186 -13.11 -31.70 -21.97
N GLU C 187 -13.93 -32.30 -22.83
CA GLU C 187 -13.87 -33.74 -23.05
C GLU C 187 -12.66 -34.19 -23.89
N LYS C 188 -11.94 -33.23 -24.48
CA LYS C 188 -10.82 -33.56 -25.36
C LYS C 188 -9.46 -33.46 -24.68
N HIS C 189 -9.46 -33.12 -23.39
CA HIS C 189 -8.21 -32.97 -22.67
C HIS C 189 -8.22 -33.76 -21.37
N LYS C 190 -7.04 -34.04 -20.84
CA LYS C 190 -6.91 -34.94 -19.68
C LYS C 190 -6.50 -34.19 -18.41
N VAL C 191 -5.29 -33.64 -18.42
CA VAL C 191 -4.74 -33.00 -17.23
C VAL C 191 -5.18 -31.55 -17.08
N TYR C 192 -5.84 -31.26 -15.96
CA TYR C 192 -6.27 -29.90 -15.65
C TYR C 192 -5.53 -29.43 -14.41
N ALA C 193 -4.82 -28.33 -14.53
CA ALA C 193 -3.94 -27.90 -13.45
C ALA C 193 -4.09 -26.43 -13.09
N CYS C 194 -3.88 -26.15 -11.81
CA CYS C 194 -3.94 -24.80 -11.29
C CYS C 194 -2.60 -24.50 -10.63
N GLU C 195 -1.86 -23.55 -11.19
CA GLU C 195 -0.55 -23.19 -10.66
C GLU C 195 -0.62 -21.86 -9.95
N VAL C 196 -0.10 -21.82 -8.73
CA VAL C 196 -0.20 -20.65 -7.88
C VAL C 196 1.17 -20.10 -7.47
N THR C 197 1.36 -18.81 -7.66
CA THR C 197 2.52 -18.11 -7.13
C THR C 197 2.09 -17.04 -6.13
N HIS C 198 2.90 -16.84 -5.11
CA HIS C 198 2.59 -15.90 -4.04
C HIS C 198 3.85 -15.58 -3.27
N GLN C 199 3.87 -14.45 -2.56
CA GLN C 199 5.04 -14.06 -1.78
C GLN C 199 5.40 -15.10 -0.72
N GLY C 200 4.38 -15.78 -0.20
CA GLY C 200 4.58 -16.81 0.80
C GLY C 200 5.08 -18.11 0.21
N LEU C 201 5.13 -18.18 -1.11
CA LEU C 201 5.61 -19.36 -1.80
C LEU C 201 6.95 -19.09 -2.47
N SER C 202 8.00 -19.73 -1.99
CA SER C 202 9.32 -19.60 -2.59
C SER C 202 9.41 -20.48 -3.85
N SER C 203 8.36 -21.26 -4.05
CA SER C 203 8.25 -22.15 -5.20
C SER C 203 6.75 -22.25 -5.53
N PRO C 204 6.42 -22.30 -6.83
CA PRO C 204 5.01 -22.32 -7.24
C PRO C 204 4.31 -23.63 -6.84
N VAL C 205 3.04 -23.52 -6.48
CA VAL C 205 2.26 -24.68 -6.05
C VAL C 205 1.29 -25.11 -7.14
N THR C 206 1.24 -26.41 -7.42
CA THR C 206 0.35 -26.93 -8.45
C THR C 206 -0.61 -27.98 -7.91
N LYS C 207 -1.90 -27.74 -8.12
CA LYS C 207 -2.91 -28.73 -7.79
C LYS C 207 -3.64 -29.10 -9.08
N SER C 208 -3.83 -30.39 -9.30
CA SER C 208 -4.40 -30.85 -10.55
C SER C 208 -5.27 -32.08 -10.40
N PHE C 209 -5.93 -32.46 -11.49
CA PHE C 209 -6.70 -33.68 -11.54
C PHE C 209 -6.75 -34.18 -12.97
N ASN C 210 -7.02 -35.46 -13.14
CA ASN C 210 -7.25 -36.02 -14.46
C ASN C 210 -8.72 -36.29 -14.68
N ARG C 211 -9.26 -35.76 -15.77
CA ARG C 211 -10.65 -36.00 -16.15
C ARG C 211 -10.88 -37.51 -16.29
N GLY C 212 -11.56 -38.10 -15.31
CA GLY C 212 -11.84 -39.53 -15.33
C GLY C 212 -11.42 -40.24 -14.05
N GLN D 1 -36.67 -3.00 20.90
CA GLN D 1 -35.77 -3.24 19.77
C GLN D 1 -36.19 -2.44 18.53
N VAL D 2 -35.54 -1.31 18.33
CA VAL D 2 -35.78 -0.49 17.14
C VAL D 2 -35.22 -1.15 15.89
N GLN D 3 -36.09 -1.41 14.91
CA GLN D 3 -35.67 -2.07 13.68
C GLN D 3 -36.35 -1.50 12.44
N LEU D 4 -35.62 -1.44 11.34
CA LEU D 4 -36.18 -1.04 10.05
C LEU D 4 -35.93 -2.15 9.03
N LYS D 5 -37.00 -2.70 8.48
CA LYS D 5 -36.90 -3.79 7.51
C LYS D 5 -37.44 -3.37 6.16
N GLN D 6 -36.60 -3.47 5.13
CA GLN D 6 -36.97 -3.00 3.80
C GLN D 6 -37.46 -4.13 2.91
N SER D 7 -38.20 -3.77 1.86
CA SER D 7 -38.64 -4.75 0.88
C SER D 7 -37.45 -5.23 0.06
N GLY D 8 -37.57 -6.42 -0.50
CA GLY D 8 -36.46 -7.09 -1.16
C GLY D 8 -35.90 -6.42 -2.40
N PRO D 9 -34.72 -6.87 -2.84
CA PRO D 9 -34.02 -6.33 -4.01
C PRO D 9 -34.70 -6.73 -5.31
N GLY D 10 -34.38 -6.05 -6.40
CA GLY D 10 -34.99 -6.36 -7.67
C GLY D 10 -34.45 -5.56 -8.84
N LEU D 11 -34.96 -5.88 -10.02
CA LEU D 11 -34.55 -5.24 -11.26
C LEU D 11 -35.60 -4.22 -11.70
N VAL D 12 -35.14 -3.09 -12.23
CA VAL D 12 -36.03 -2.06 -12.73
C VAL D 12 -35.65 -1.66 -14.16
N GLN D 13 -36.63 -1.70 -15.07
CA GLN D 13 -36.40 -1.27 -16.45
C GLN D 13 -36.06 0.21 -16.48
N PRO D 14 -35.17 0.61 -17.42
CA PRO D 14 -34.85 2.03 -17.61
C PRO D 14 -36.09 2.86 -17.89
N SER D 15 -36.09 4.09 -17.40
CA SER D 15 -37.20 5.04 -17.55
C SER D 15 -38.46 4.66 -16.75
N GLN D 16 -38.40 3.54 -16.03
CA GLN D 16 -39.51 3.12 -15.18
C GLN D 16 -39.31 3.60 -13.75
N SER D 17 -40.20 3.16 -12.86
CA SER D 17 -40.19 3.64 -11.48
C SER D 17 -39.67 2.60 -10.48
N LEU D 18 -39.31 3.07 -9.29
CA LEU D 18 -38.78 2.21 -8.24
C LEU D 18 -39.59 2.35 -6.97
N SER D 19 -39.99 1.22 -6.39
CA SER D 19 -40.81 1.25 -5.18
C SER D 19 -40.24 0.38 -4.07
N ILE D 20 -39.98 1.00 -2.91
CA ILE D 20 -39.44 0.29 -1.76
C ILE D 20 -40.29 0.57 -0.52
N THR D 21 -40.52 -0.45 0.29
CA THR D 21 -41.30 -0.31 1.50
C THR D 21 -40.44 -0.51 2.74
N CYS D 22 -40.50 0.46 3.66
CA CYS D 22 -39.76 0.38 4.92
C CYS D 22 -40.71 0.16 6.09
N THR D 23 -40.64 -1.02 6.68
CA THR D 23 -41.50 -1.38 7.80
C THR D 23 -40.74 -1.23 9.11
N VAL D 24 -41.26 -0.39 10.01
CA VAL D 24 -40.57 -0.11 11.26
C VAL D 24 -41.20 -0.79 12.45
N SER D 25 -40.41 -0.96 13.51
CA SER D 25 -40.89 -1.49 14.78
C SER D 25 -39.98 -0.98 15.89
N GLY D 26 -40.49 -0.97 17.12
CA GLY D 26 -39.72 -0.50 18.25
C GLY D 26 -39.88 0.99 18.46
N PHE D 27 -40.66 1.62 17.58
CA PHE D 27 -40.99 3.03 17.68
C PHE D 27 -42.15 3.35 16.74
N SER D 28 -42.74 4.53 16.90
CA SER D 28 -43.87 4.93 16.08
C SER D 28 -43.52 6.01 15.08
N LEU D 29 -44.12 5.94 13.90
CA LEU D 29 -43.87 6.92 12.85
C LEU D 29 -44.42 8.30 13.22
N THR D 30 -45.33 8.34 14.18
CA THR D 30 -45.88 9.61 14.64
C THR D 30 -44.92 10.37 15.55
N ASN D 31 -43.86 9.69 16.00
CA ASN D 31 -42.86 10.34 16.84
C ASN D 31 -41.56 10.68 16.10
N TYR D 32 -41.12 9.79 15.21
CA TYR D 32 -39.85 9.98 14.50
C TYR D 32 -40.04 10.08 12.98
N GLY D 33 -39.19 10.89 12.34
CA GLY D 33 -39.18 10.96 10.90
C GLY D 33 -38.37 9.83 10.31
N VAL D 34 -38.66 9.45 9.08
CA VAL D 34 -37.88 8.42 8.39
C VAL D 34 -37.16 8.98 7.17
N HIS D 35 -35.85 8.82 7.14
CA HIS D 35 -35.02 9.35 6.06
C HIS D 35 -34.73 8.28 5.03
N TRP D 36 -34.29 8.70 3.85
CA TRP D 36 -33.88 7.77 2.81
C TRP D 36 -32.53 8.16 2.22
N VAL D 37 -31.61 7.19 2.23
CA VAL D 37 -30.26 7.39 1.75
C VAL D 37 -29.96 6.32 0.72
N ARG D 38 -29.21 6.68 -0.32
CA ARG D 38 -28.75 5.69 -1.28
C ARG D 38 -27.23 5.68 -1.39
N GLN D 39 -26.69 4.60 -1.93
CA GLN D 39 -25.24 4.44 -2.03
C GLN D 39 -24.86 3.80 -3.37
N SER D 40 -24.16 4.55 -4.21
CA SER D 40 -23.83 4.10 -5.56
C SER D 40 -22.33 4.12 -5.80
N PRO D 41 -21.85 3.37 -6.82
CA PRO D 41 -20.43 3.39 -7.16
C PRO D 41 -19.94 4.78 -7.54
N GLY D 42 -20.77 5.55 -8.23
CA GLY D 42 -20.37 6.84 -8.75
C GLY D 42 -20.38 7.98 -7.75
N LYS D 43 -21.41 8.03 -6.89
CA LYS D 43 -21.59 9.18 -6.01
C LYS D 43 -21.60 8.85 -4.52
N GLY D 44 -21.29 7.59 -4.20
CA GLY D 44 -21.21 7.16 -2.81
C GLY D 44 -22.48 7.36 -2.01
N LEU D 45 -22.34 7.70 -0.74
CA LEU D 45 -23.49 7.97 0.12
C LEU D 45 -24.18 9.27 -0.26
N GLU D 46 -25.51 9.22 -0.31
CA GLU D 46 -26.29 10.33 -0.83
C GLU D 46 -27.64 10.41 -0.12
N TRP D 47 -27.86 11.52 0.59
CA TRP D 47 -29.14 11.73 1.26
C TRP D 47 -30.22 12.11 0.24
N LEU D 48 -31.31 11.35 0.23
CA LEU D 48 -32.37 11.54 -0.76
C LEU D 48 -33.53 12.39 -0.24
N GLY D 49 -34.05 12.05 0.95
CA GLY D 49 -35.15 12.79 1.52
C GLY D 49 -35.64 12.27 2.85
N VAL D 50 -36.71 12.87 3.36
CA VAL D 50 -37.25 12.52 4.67
C VAL D 50 -38.74 12.81 4.78
N ILE D 51 -39.48 11.89 5.39
CA ILE D 51 -40.87 12.17 5.78
C ILE D 51 -40.95 12.33 7.30
N TRP D 52 -41.46 13.47 7.73
CA TRP D 52 -41.46 13.82 9.15
C TRP D 52 -42.69 13.26 9.89
N SER D 53 -42.71 13.46 11.20
CA SER D 53 -43.78 12.96 12.06
C SER D 53 -45.16 13.41 11.60
N GLY D 54 -45.26 14.68 11.18
CA GLY D 54 -46.53 15.25 10.79
C GLY D 54 -46.93 14.96 9.36
N GLY D 55 -46.04 14.35 8.59
CA GLY D 55 -46.33 14.02 7.22
C GLY D 55 -45.63 14.93 6.22
N ASN D 56 -45.03 16.00 6.73
CA ASN D 56 -44.22 16.88 5.88
C ASN D 56 -43.03 16.13 5.30
N THR D 57 -42.72 16.41 4.04
CA THR D 57 -41.59 15.77 3.38
C THR D 57 -40.58 16.80 2.86
N ASP D 58 -39.31 16.42 2.90
CA ASP D 58 -38.25 17.19 2.26
C ASP D 58 -37.52 16.28 1.29
N TYR D 59 -37.22 16.80 0.11
CA TYR D 59 -36.45 16.04 -0.87
C TYR D 59 -35.18 16.81 -1.24
N ASN D 60 -34.10 16.07 -1.46
CA ASN D 60 -32.86 16.67 -1.93
C ASN D 60 -33.07 17.23 -3.34
N THR D 61 -32.57 18.45 -3.55
CA THR D 61 -32.81 19.23 -4.78
C THR D 61 -32.81 18.47 -6.12
N PRO D 62 -31.78 17.63 -6.38
CA PRO D 62 -31.80 16.97 -7.69
C PRO D 62 -32.74 15.76 -7.77
N PHE D 63 -33.66 15.64 -6.83
CA PHE D 63 -34.59 14.51 -6.83
C PHE D 63 -36.04 14.97 -6.64
N THR D 64 -36.22 16.26 -6.37
CA THR D 64 -37.52 16.82 -6.01
C THR D 64 -38.61 16.59 -7.04
N SER D 65 -38.23 16.48 -8.31
CA SER D 65 -39.21 16.37 -9.39
C SER D 65 -39.42 14.93 -9.87
N ARG D 66 -38.97 13.96 -9.09
CA ARG D 66 -39.18 12.56 -9.47
C ARG D 66 -39.20 11.62 -8.25
N LEU D 67 -39.17 12.20 -7.06
CA LEU D 67 -39.18 11.42 -5.84
C LEU D 67 -40.44 11.74 -5.03
N SER D 68 -41.02 10.71 -4.42
CA SER D 68 -42.15 10.91 -3.52
C SER D 68 -42.09 9.93 -2.35
N ILE D 69 -42.32 10.45 -1.15
CA ILE D 69 -42.29 9.63 0.05
C ILE D 69 -43.62 9.74 0.80
N ASN D 70 -44.27 8.60 1.00
CA ASN D 70 -45.51 8.55 1.77
C ASN D 70 -45.39 7.54 2.91
N LYS D 71 -46.40 7.50 3.77
CA LYS D 71 -46.39 6.54 4.88
C LYS D 71 -47.78 6.22 5.39
N ASP D 72 -47.87 5.16 6.18
CA ASP D 72 -49.09 4.80 6.86
C ASP D 72 -48.76 4.50 8.33
N ASN D 73 -49.11 5.44 9.20
CA ASN D 73 -48.78 5.35 10.62
C ASN D 73 -49.28 4.08 11.31
N SER D 74 -50.49 3.66 10.97
CA SER D 74 -51.10 2.50 11.62
C SER D 74 -50.42 1.19 11.22
N LYS D 75 -49.94 1.12 9.99
CA LYS D 75 -49.25 -0.07 9.51
C LYS D 75 -47.75 0.00 9.75
N SER D 76 -47.28 1.12 10.29
CA SER D 76 -45.87 1.36 10.55
C SER D 76 -45.01 1.18 9.30
N GLN D 77 -45.52 1.62 8.16
CA GLN D 77 -44.82 1.47 6.90
C GLN D 77 -44.54 2.81 6.23
N VAL D 78 -43.36 2.94 5.63
CA VAL D 78 -42.99 4.13 4.87
C VAL D 78 -42.77 3.73 3.42
N PHE D 79 -43.30 4.53 2.49
CA PHE D 79 -43.25 4.18 1.07
C PHE D 79 -42.35 5.11 0.27
N PHE D 80 -41.37 4.52 -0.41
CA PHE D 80 -40.40 5.26 -1.21
C PHE D 80 -40.66 4.99 -2.69
N LYS D 81 -40.77 6.05 -3.48
CA LYS D 81 -41.00 5.90 -4.92
C LYS D 81 -40.23 6.93 -5.72
N MET D 82 -39.46 6.45 -6.71
CA MET D 82 -38.69 7.34 -7.58
C MET D 82 -38.98 7.03 -9.05
N ASN D 83 -39.14 8.07 -9.85
CA ASN D 83 -39.48 7.92 -11.27
C ASN D 83 -38.29 8.12 -12.19
N SER D 84 -38.47 7.71 -13.45
CA SER D 84 -37.49 7.94 -14.52
C SER D 84 -36.09 7.45 -14.16
N LEU D 85 -35.95 6.16 -13.92
CA LEU D 85 -34.67 5.60 -13.50
C LEU D 85 -33.72 5.35 -14.66
N GLN D 86 -32.46 5.74 -14.48
CA GLN D 86 -31.43 5.51 -15.48
C GLN D 86 -30.40 4.54 -14.93
N SER D 87 -29.43 4.17 -15.76
CA SER D 87 -28.41 3.20 -15.38
C SER D 87 -27.70 3.56 -14.07
N ASN D 88 -27.36 4.83 -13.90
CA ASN D 88 -26.59 5.26 -12.73
C ASN D 88 -27.45 5.47 -11.48
N ASP D 89 -28.71 5.07 -11.54
CA ASP D 89 -29.55 5.04 -10.36
C ASP D 89 -29.46 3.67 -9.69
N THR D 90 -28.62 2.81 -10.26
CA THR D 90 -28.34 1.52 -9.68
C THR D 90 -27.55 1.72 -8.40
N ALA D 91 -28.16 1.39 -7.27
CA ALA D 91 -27.55 1.64 -5.97
C ALA D 91 -28.19 0.79 -4.87
N ILE D 92 -27.59 0.85 -3.68
CA ILE D 92 -28.22 0.31 -2.49
C ILE D 92 -29.03 1.44 -1.87
N TYR D 93 -30.32 1.20 -1.67
CA TYR D 93 -31.21 2.19 -1.07
C TYR D 93 -31.55 1.83 0.37
N TYR D 94 -31.35 2.77 1.28
CA TYR D 94 -31.63 2.54 2.70
C TYR D 94 -32.77 3.42 3.20
N CYS D 95 -33.46 2.95 4.22
CA CYS D 95 -34.29 3.83 5.04
C CYS D 95 -33.63 3.92 6.42
N ALA D 96 -33.55 5.13 6.96
CA ALA D 96 -32.85 5.34 8.23
C ALA D 96 -33.62 6.20 9.21
N ARG D 97 -33.31 6.05 10.49
CA ARG D 97 -33.92 6.88 11.53
C ARG D 97 -32.85 7.52 12.40
N ALA D 98 -33.08 8.76 12.82
CA ALA D 98 -32.14 9.51 13.64
C ALA D 98 -32.36 9.26 15.13
N LEU D 99 -31.42 9.73 15.96
CA LEU D 99 -31.55 9.60 17.41
C LEU D 99 -32.72 10.42 17.95
N THR D 100 -32.82 11.67 17.51
CA THR D 100 -33.91 12.54 17.92
C THR D 100 -34.82 12.84 16.75
N TYR D 101 -36.08 13.14 17.06
CA TYR D 101 -37.11 13.31 16.03
C TYR D 101 -36.77 14.37 14.97
N TYR D 102 -35.92 15.32 15.31
CA TYR D 102 -35.65 16.45 14.43
C TYR D 102 -34.28 16.38 13.73
N ASP D 103 -33.40 15.53 14.22
CA ASP D 103 -32.00 15.55 13.80
C ASP D 103 -31.69 14.65 12.59
N TYR D 104 -30.42 14.62 12.19
CA TYR D 104 -29.99 13.87 11.01
C TYR D 104 -28.88 12.88 11.30
N GLU D 105 -28.63 12.59 12.57
CA GLU D 105 -27.62 11.57 12.91
C GLU D 105 -28.24 10.17 12.89
N PHE D 106 -27.94 9.43 11.82
CA PHE D 106 -28.63 8.18 11.54
C PHE D 106 -28.11 7.00 12.36
N ALA D 107 -28.78 6.75 13.50
CA ALA D 107 -28.35 5.70 14.41
C ALA D 107 -28.96 4.34 14.05
N TYR D 108 -30.03 4.35 13.29
CA TYR D 108 -30.72 3.12 12.92
C TYR D 108 -30.89 3.01 11.40
N TRP D 109 -30.56 1.86 10.84
CA TRP D 109 -30.61 1.66 9.40
C TRP D 109 -31.36 0.39 9.01
N GLY D 110 -32.04 0.45 7.88
CA GLY D 110 -32.61 -0.75 7.27
C GLY D 110 -31.48 -1.57 6.70
N GLN D 111 -31.76 -2.81 6.30
CA GLN D 111 -30.72 -3.69 5.78
C GLN D 111 -30.29 -3.27 4.38
N GLY D 112 -31.07 -2.39 3.76
CA GLY D 112 -30.75 -1.90 2.44
C GLY D 112 -31.39 -2.74 1.34
N THR D 113 -31.63 -2.10 0.20
CA THR D 113 -32.23 -2.79 -0.93
C THR D 113 -31.41 -2.52 -2.19
N LEU D 114 -30.81 -3.57 -2.73
CA LEU D 114 -30.01 -3.44 -3.95
C LEU D 114 -30.91 -3.32 -5.16
N VAL D 115 -30.90 -2.14 -5.78
CA VAL D 115 -31.73 -1.89 -6.95
C VAL D 115 -30.89 -1.80 -8.21
N THR D 116 -31.14 -2.70 -9.16
CA THR D 116 -30.43 -2.70 -10.43
C THR D 116 -31.32 -2.13 -11.53
N VAL D 117 -30.77 -1.19 -12.29
CA VAL D 117 -31.48 -0.65 -13.46
C VAL D 117 -30.84 -1.18 -14.74
N SER D 118 -31.60 -1.97 -15.49
CA SER D 118 -31.11 -2.58 -16.71
C SER D 118 -32.27 -3.05 -17.58
N ALA D 119 -32.01 -3.25 -18.87
CA ALA D 119 -33.04 -3.66 -19.81
C ALA D 119 -33.10 -5.18 -19.96
N ALA D 120 -32.34 -5.88 -19.13
CA ALA D 120 -32.26 -7.33 -19.19
C ALA D 120 -33.40 -8.01 -18.43
N SER D 121 -33.39 -9.34 -18.39
CA SER D 121 -34.42 -10.10 -17.69
C SER D 121 -33.88 -10.68 -16.39
N THR D 122 -34.78 -10.95 -15.46
CA THR D 122 -34.40 -11.61 -14.21
C THR D 122 -34.23 -13.10 -14.46
N LYS D 123 -33.13 -13.67 -13.99
CA LYS D 123 -32.88 -15.09 -14.15
C LYS D 123 -32.30 -15.71 -12.88
N GLY D 124 -32.90 -16.82 -12.44
CA GLY D 124 -32.40 -17.55 -11.30
C GLY D 124 -31.13 -18.30 -11.64
N PRO D 125 -30.30 -18.58 -10.63
CA PRO D 125 -29.04 -19.28 -10.85
C PRO D 125 -29.20 -20.80 -10.89
N SER D 126 -28.17 -21.48 -11.37
CA SER D 126 -28.05 -22.92 -11.24
C SER D 126 -26.98 -23.18 -10.19
N VAL D 127 -27.24 -24.12 -9.29
CA VAL D 127 -26.27 -24.44 -8.25
C VAL D 127 -25.59 -25.78 -8.50
N PHE D 128 -24.26 -25.75 -8.54
CA PHE D 128 -23.48 -26.96 -8.75
C PHE D 128 -22.51 -27.16 -7.59
N PRO D 129 -22.21 -28.43 -7.27
CA PRO D 129 -21.32 -28.74 -6.14
C PRO D 129 -19.85 -28.57 -6.49
N LEU D 130 -19.08 -28.00 -5.57
CA LEU D 130 -17.62 -28.02 -5.64
C LEU D 130 -17.15 -29.08 -4.66
N ALA D 131 -17.04 -30.31 -5.15
CA ALA D 131 -16.71 -31.46 -4.30
C ALA D 131 -15.23 -31.54 -3.96
N GLY D 140 -5.33 -32.77 6.84
CA GLY D 140 -6.57 -33.48 6.61
C GLY D 140 -7.78 -32.56 6.57
N THR D 141 -7.58 -31.37 6.01
CA THR D 141 -8.67 -30.41 5.84
C THR D 141 -9.22 -30.48 4.42
N ALA D 142 -10.53 -30.71 4.30
CA ALA D 142 -11.16 -30.77 3.00
C ALA D 142 -11.81 -29.44 2.66
N ALA D 143 -11.85 -29.11 1.38
CA ALA D 143 -12.53 -27.91 0.93
C ALA D 143 -13.69 -28.34 0.05
N LEU D 144 -14.85 -27.76 0.30
CA LEU D 144 -16.01 -28.00 -0.53
C LEU D 144 -16.77 -26.70 -0.69
N GLY D 145 -17.65 -26.63 -1.68
CA GLY D 145 -18.38 -25.41 -1.92
C GLY D 145 -19.51 -25.52 -2.91
N CYS D 146 -20.09 -24.36 -3.24
CA CYS D 146 -21.19 -24.30 -4.19
C CYS D 146 -20.90 -23.27 -5.26
N LEU D 147 -21.20 -23.64 -6.50
CA LEU D 147 -21.06 -22.72 -7.62
C LEU D 147 -22.43 -22.17 -8.00
N VAL D 148 -22.67 -20.91 -7.66
CA VAL D 148 -23.93 -20.25 -7.96
C VAL D 148 -23.77 -19.47 -9.26
N LYS D 149 -24.39 -19.96 -10.33
CA LYS D 149 -24.02 -19.54 -11.68
C LYS D 149 -25.17 -19.01 -12.53
N ASP D 150 -24.86 -18.01 -13.36
CA ASP D 150 -25.77 -17.52 -14.40
C ASP D 150 -27.08 -16.95 -13.87
N TYR D 151 -26.98 -15.95 -13.01
CA TYR D 151 -28.16 -15.31 -12.45
C TYR D 151 -28.12 -13.80 -12.68
N PHE D 152 -29.28 -13.17 -12.64
CA PHE D 152 -29.37 -11.72 -12.78
C PHE D 152 -30.67 -11.21 -12.18
N PRO D 153 -30.60 -10.10 -11.44
CA PRO D 153 -29.36 -9.38 -11.12
C PRO D 153 -28.84 -9.76 -9.75
N GLU D 154 -27.88 -9.00 -9.25
CA GLU D 154 -27.44 -9.13 -7.87
C GLU D 154 -28.59 -8.70 -6.95
N PRO D 155 -28.59 -9.14 -5.68
CA PRO D 155 -27.61 -10.04 -5.06
C PRO D 155 -28.16 -11.45 -4.91
N VAL D 156 -27.29 -12.36 -4.49
CA VAL D 156 -27.73 -13.69 -4.10
C VAL D 156 -27.16 -13.94 -2.71
N THR D 157 -27.90 -14.64 -1.86
CA THR D 157 -27.41 -14.95 -0.53
C THR D 157 -27.12 -16.43 -0.39
N VAL D 158 -26.01 -16.74 0.26
CA VAL D 158 -25.61 -18.12 0.51
C VAL D 158 -25.25 -18.33 1.97
N SER D 159 -25.82 -19.36 2.57
CA SER D 159 -25.48 -19.75 3.93
C SER D 159 -25.19 -21.25 3.91
N TRP D 160 -24.64 -21.76 5.01
CA TRP D 160 -24.35 -23.18 5.09
C TRP D 160 -25.02 -23.80 6.31
N ASN D 161 -25.66 -24.95 6.11
CA ASN D 161 -26.38 -25.66 7.17
C ASN D 161 -27.36 -24.77 7.92
N SER D 162 -28.17 -24.02 7.16
CA SER D 162 -29.17 -23.13 7.73
C SER D 162 -28.59 -22.08 8.67
N GLY D 163 -27.33 -21.74 8.48
CA GLY D 163 -26.68 -20.73 9.30
C GLY D 163 -25.90 -21.28 10.48
N ALA D 164 -25.98 -22.59 10.69
CA ALA D 164 -25.28 -23.23 11.81
C ALA D 164 -23.79 -23.35 11.52
N LEU D 165 -23.44 -23.35 10.24
CA LEU D 165 -22.03 -23.45 9.84
C LEU D 165 -21.53 -22.12 9.29
N THR D 166 -20.68 -21.44 10.06
CA THR D 166 -20.17 -20.14 9.67
C THR D 166 -18.66 -20.10 9.62
N SER D 167 -18.02 -20.81 10.56
CA SER D 167 -16.57 -20.81 10.64
C SER D 167 -15.93 -21.45 9.42
N GLY D 168 -15.03 -20.71 8.77
CA GLY D 168 -14.33 -21.21 7.61
C GLY D 168 -15.07 -21.00 6.29
N VAL D 169 -16.21 -20.32 6.36
CA VAL D 169 -17.01 -20.05 5.17
C VAL D 169 -16.53 -18.79 4.46
N HIS D 170 -16.25 -18.92 3.17
CA HIS D 170 -15.95 -17.76 2.33
C HIS D 170 -16.94 -17.70 1.18
N THR D 171 -17.71 -16.61 1.11
CA THR D 171 -18.58 -16.38 -0.04
C THR D 171 -18.02 -15.26 -0.88
N PHE D 172 -17.51 -15.62 -2.05
CA PHE D 172 -16.81 -14.67 -2.92
C PHE D 172 -17.77 -13.67 -3.57
N PRO D 173 -17.29 -12.43 -3.77
CA PRO D 173 -18.06 -11.42 -4.49
C PRO D 173 -18.39 -11.93 -5.89
N ALA D 174 -19.61 -11.68 -6.35
CA ALA D 174 -20.04 -12.13 -7.67
C ALA D 174 -19.16 -11.51 -8.76
N VAL D 175 -18.96 -12.25 -9.85
CA VAL D 175 -18.30 -11.70 -11.02
C VAL D 175 -19.26 -11.61 -12.19
N LEU D 176 -19.12 -10.57 -12.99
CA LEU D 176 -19.94 -10.40 -14.17
C LEU D 176 -19.31 -11.11 -15.36
N GLN D 177 -19.95 -12.16 -15.84
CA GLN D 177 -19.44 -12.93 -16.96
C GLN D 177 -19.62 -12.17 -18.27
N SER D 178 -19.04 -12.68 -19.34
CA SER D 178 -19.15 -12.03 -20.65
C SER D 178 -20.57 -12.10 -21.19
N SER D 179 -21.35 -13.04 -20.65
CA SER D 179 -22.73 -13.25 -21.06
C SER D 179 -23.66 -12.23 -20.40
N GLY D 180 -23.12 -11.42 -19.50
CA GLY D 180 -23.91 -10.44 -18.80
C GLY D 180 -24.62 -11.00 -17.58
N LEU D 181 -24.30 -12.24 -17.24
CA LEU D 181 -24.88 -12.88 -16.07
C LEU D 181 -23.84 -13.00 -14.96
N TYR D 182 -24.30 -12.99 -13.71
CA TYR D 182 -23.38 -13.09 -12.58
C TYR D 182 -23.08 -14.54 -12.20
N SER D 183 -21.87 -14.75 -11.68
CA SER D 183 -21.49 -16.05 -11.16
C SER D 183 -20.77 -15.87 -9.84
N LEU D 184 -20.88 -16.85 -8.97
CA LEU D 184 -20.40 -16.72 -7.61
C LEU D 184 -20.04 -18.09 -7.06
N SER D 185 -19.11 -18.10 -6.11
CA SER D 185 -18.75 -19.33 -5.40
C SER D 185 -18.75 -19.10 -3.89
N SER D 186 -19.22 -20.09 -3.15
CA SER D 186 -19.13 -20.08 -1.70
C SER D 186 -18.45 -21.36 -1.26
N VAL D 187 -17.37 -21.21 -0.49
CA VAL D 187 -16.60 -22.38 -0.05
C VAL D 187 -16.45 -22.42 1.46
N VAL D 188 -16.18 -23.60 1.98
CA VAL D 188 -15.99 -23.80 3.41
C VAL D 188 -14.98 -24.92 3.62
N THR D 189 -14.13 -24.79 4.63
CA THR D 189 -13.18 -25.85 4.94
C THR D 189 -13.68 -26.69 6.12
N VAL D 190 -13.60 -28.01 5.97
CA VAL D 190 -14.10 -28.94 6.99
C VAL D 190 -13.09 -30.07 7.24
N PRO D 191 -13.17 -30.69 8.43
CA PRO D 191 -12.32 -31.86 8.69
C PRO D 191 -12.74 -32.99 7.75
N SER D 192 -11.79 -33.52 6.98
CA SER D 192 -12.12 -34.48 5.94
C SER D 192 -12.74 -35.76 6.48
N SER D 193 -12.53 -36.05 7.77
CA SER D 193 -13.11 -37.25 8.37
C SER D 193 -14.58 -37.08 8.72
N SER D 194 -15.11 -35.87 8.51
CA SER D 194 -16.52 -35.61 8.78
C SER D 194 -17.36 -35.61 7.50
N LEU D 195 -16.72 -35.89 6.38
CA LEU D 195 -17.40 -35.87 5.09
C LEU D 195 -18.41 -37.00 4.95
N GLY D 196 -18.35 -37.98 5.84
CA GLY D 196 -19.22 -39.14 5.76
C GLY D 196 -20.44 -39.08 6.66
N THR D 197 -20.28 -38.50 7.85
CA THR D 197 -21.36 -38.49 8.84
C THR D 197 -22.05 -37.14 8.97
N GLN D 198 -21.37 -36.08 8.55
CA GLN D 198 -21.93 -34.74 8.61
C GLN D 198 -22.40 -34.27 7.23
N THR D 199 -23.64 -33.81 7.14
CA THR D 199 -24.13 -33.28 5.88
C THR D 199 -23.81 -31.80 5.79
N TYR D 200 -23.38 -31.37 4.60
CA TYR D 200 -23.10 -29.97 4.36
C TYR D 200 -23.99 -29.45 3.24
N ILE D 201 -24.91 -28.57 3.61
CA ILE D 201 -25.85 -27.99 2.65
C ILE D 201 -25.52 -26.53 2.46
N CYS D 202 -25.44 -26.08 1.21
CA CYS D 202 -25.42 -24.65 0.96
C CYS D 202 -26.83 -24.18 0.64
N ASN D 203 -27.23 -23.08 1.27
CA ASN D 203 -28.58 -22.55 1.11
C ASN D 203 -28.56 -21.31 0.23
N VAL D 204 -28.94 -21.49 -1.03
CA VAL D 204 -28.90 -20.40 -2.00
C VAL D 204 -30.27 -19.76 -2.18
N ASN D 205 -30.31 -18.44 -2.06
CA ASN D 205 -31.54 -17.69 -2.25
C ASN D 205 -31.29 -16.50 -3.17
N HIS D 206 -31.92 -16.54 -4.35
CA HIS D 206 -31.90 -15.39 -5.25
C HIS D 206 -33.28 -14.74 -5.22
N LYS D 207 -33.45 -13.80 -4.29
CA LYS D 207 -34.75 -13.14 -4.09
C LYS D 207 -35.38 -12.43 -5.31
N PRO D 208 -34.56 -11.78 -6.18
CA PRO D 208 -35.20 -11.12 -7.33
C PRO D 208 -35.94 -12.08 -8.27
N SER D 209 -35.63 -13.37 -8.19
CA SER D 209 -36.30 -14.36 -9.02
C SER D 209 -37.09 -15.33 -8.16
N ASN D 210 -37.08 -15.10 -6.85
CA ASN D 210 -37.70 -15.99 -5.88
C ASN D 210 -37.22 -17.43 -6.03
N THR D 211 -35.92 -17.59 -6.27
CA THR D 211 -35.31 -18.91 -6.45
C THR D 211 -34.54 -19.35 -5.22
N LYS D 212 -35.01 -20.42 -4.60
CA LYS D 212 -34.33 -20.98 -3.43
C LYS D 212 -33.87 -22.41 -3.70
N VAL D 213 -32.61 -22.68 -3.40
CA VAL D 213 -32.04 -24.01 -3.59
C VAL D 213 -31.20 -24.43 -2.39
N ASP D 214 -31.43 -25.65 -1.91
CA ASP D 214 -30.60 -26.23 -0.87
C ASP D 214 -29.82 -27.39 -1.48
N LYS D 215 -28.50 -27.20 -1.60
CA LYS D 215 -27.64 -28.17 -2.28
C LYS D 215 -26.69 -28.87 -1.32
N ARG D 216 -26.72 -30.21 -1.33
CA ARG D 216 -25.76 -30.98 -0.56
C ARG D 216 -24.49 -31.19 -1.36
N VAL D 217 -23.34 -30.97 -0.71
CA VAL D 217 -22.05 -31.17 -1.36
C VAL D 217 -21.29 -32.28 -0.66
N GLU D 218 -21.00 -33.35 -1.39
CA GLU D 218 -20.28 -34.48 -0.85
C GLU D 218 -19.27 -35.01 -1.87
N PRO D 219 -18.22 -35.71 -1.42
CA PRO D 219 -17.22 -36.25 -2.34
C PRO D 219 -17.84 -37.21 -3.36
N LYS D 220 -17.40 -37.10 -4.62
CA LYS D 220 -17.95 -37.90 -5.70
C LYS D 220 -17.22 -39.24 -5.87
C SC2 E 1 10.92 2.95 10.63
CB SC2 E 1 9.13 3.58 8.99
CA SC2 E 1 9.45 2.75 10.23
N SC2 E 1 8.57 3.12 11.34
O SC2 E 1 11.22 3.58 11.64
SG SC2 E 1 8.80 2.59 7.52
N GLN E 2 11.82 2.39 9.83
CA GLN E 2 13.25 2.49 10.11
C GLN E 2 13.97 3.23 8.99
N PHE E 3 14.71 4.26 9.36
CA PHE E 3 15.52 5.02 8.40
C PHE E 3 16.71 4.19 7.95
N ASP E 4 16.99 4.21 6.65
CA ASP E 4 18.11 3.48 6.08
C ASP E 4 19.25 4.45 5.79
N LEU E 5 20.40 4.21 6.41
CA LEU E 5 21.56 5.09 6.25
C LEU E 5 22.17 5.02 4.86
N SER E 6 21.91 3.90 4.17
CA SER E 6 22.49 3.69 2.85
C SER E 6 21.76 4.47 1.75
N THR E 7 20.43 4.41 1.77
CA THR E 7 19.62 5.02 0.72
C THR E 7 19.01 6.34 1.16
N ARG E 8 19.15 6.67 2.45
CA ARG E 8 18.52 7.84 3.04
C ARG E 8 17.00 7.84 2.87
N ARG E 9 16.43 6.64 2.91
CA ARG E 9 14.99 6.49 2.75
C ARG E 9 14.42 5.64 3.89
N LEU E 10 13.11 5.74 4.08
CA LEU E 10 12.43 4.93 5.08
C LEU E 10 12.22 3.51 4.56
N ARG E 11 12.54 2.53 5.39
CA ARG E 11 12.30 1.14 5.05
C ARG E 11 11.26 0.56 5.99
N CYS E 12 10.10 0.20 5.44
CA CYS E 12 9.00 -0.32 6.24
C CYS E 12 8.90 -1.84 6.13
C SC2 F 1 -13.22 4.45 -5.51
CB SC2 F 1 -11.73 3.55 -3.69
CT SC2 F 1 -12.03 6.72 -3.65
CA SC2 F 1 -11.83 4.51 -4.88
N SC2 F 1 -11.43 5.88 -4.53
O SC2 F 1 -13.79 5.49 -5.88
OT SC2 F 1 -13.02 6.44 -2.99
CM SC2 F 1 -11.46 8.11 -3.46
SG SC2 F 1 -10.10 3.36 -2.96
N GLN F 2 -13.77 3.24 -5.63
CA GLN F 2 -15.18 3.09 -5.99
C GLN F 2 -15.98 2.17 -5.06
N PHE F 3 -17.22 2.56 -4.77
CA PHE F 3 -18.08 1.73 -3.94
C PHE F 3 -18.63 0.58 -4.77
N ASP F 4 -18.62 -0.61 -4.19
CA ASP F 4 -19.04 -1.84 -4.85
C ASP F 4 -20.33 -2.36 -4.23
N LEU F 5 -21.37 -2.51 -5.06
CA LEU F 5 -22.68 -2.88 -4.54
C LEU F 5 -22.72 -4.30 -4.00
N SER F 6 -21.87 -5.16 -4.53
CA SER F 6 -21.91 -6.58 -4.16
C SER F 6 -21.42 -6.85 -2.74
N THR F 7 -20.45 -6.04 -2.29
CA THR F 7 -19.76 -6.28 -1.02
C THR F 7 -20.01 -5.17 -0.03
N ARG F 8 -20.57 -4.06 -0.54
CA ARG F 8 -20.76 -2.86 0.24
C ARG F 8 -19.44 -2.35 0.81
N ARG F 9 -18.39 -2.45 0.01
CA ARG F 9 -17.08 -1.97 0.40
C ARG F 9 -16.44 -1.14 -0.72
N LEU F 10 -15.49 -0.30 -0.34
CA LEU F 10 -14.70 0.42 -1.33
C LEU F 10 -13.74 -0.57 -2.00
N ARG F 11 -13.69 -0.56 -3.33
CA ARG F 11 -12.74 -1.37 -4.09
C ARG F 11 -11.76 -0.44 -4.77
N CYS F 12 -10.47 -0.74 -4.69
CA CYS F 12 -9.46 0.14 -5.26
C CYS F 12 -8.48 -0.59 -6.17
C1 NAG G . 21.48 4.78 22.47
C2 NAG G . 20.18 5.55 22.25
C3 NAG G . 19.70 6.35 23.47
C4 NAG G . 20.12 5.77 24.81
C5 NAG G . 21.57 5.32 24.74
C6 NAG G . 22.12 4.82 26.07
C7 NAG G . 19.72 6.44 19.98
C8 NAG G . 19.75 7.70 19.17
N2 NAG G . 20.38 6.48 21.14
O3 NAG G . 18.30 6.45 23.43
O4 NAG G . 19.99 6.77 25.81
O5 NAG G . 21.62 4.29 23.79
O6 NAG G . 23.49 4.54 25.91
O7 NAG G . 19.12 5.44 19.57
P PO4 H . 40.82 -3.69 -8.12
O1 PO4 H . 39.70 -2.82 -7.62
O2 PO4 H . 40.87 -4.95 -7.29
O3 PO4 H . 42.14 -2.95 -8.01
O4 PO4 H . 40.58 -4.06 -9.57
P PO4 I . 39.16 10.63 -1.25
O1 PO4 I . 38.74 10.78 0.20
O2 PO4 I . 40.57 11.16 -1.42
O3 PO4 I . 38.21 11.41 -2.12
O4 PO4 I . 39.12 9.17 -1.63
P PO4 J . -37.84 -15.57 -1.69
O1 PO4 J . -38.62 -14.33 -2.03
O2 PO4 J . -37.30 -15.46 -0.28
O3 PO4 J . -36.69 -15.72 -2.65
O4 PO4 J . -38.73 -16.78 -1.79
P PO4 K . -29.79 -26.76 -9.98
O1 PO4 K . -29.81 -25.30 -9.59
O2 PO4 K . -29.71 -27.61 -8.73
O3 PO4 K . -31.04 -27.11 -10.75
O4 PO4 K . -28.59 -27.03 -10.84
#